data_8BPB
#
_entry.id   8BPB
#
_cell.length_a   1.00
_cell.length_b   1.00
_cell.length_c   1.00
_cell.angle_alpha   90.00
_cell.angle_beta   90.00
_cell.angle_gamma   90.00
#
_symmetry.space_group_name_H-M   'P 1'
#
loop_
_entity.id
_entity.type
_entity.pdbx_description
1 polymer 'Isoform 2 of Paired amphipathic helix protein Sin3b'
2 polymer 'Histone deacetylase 2'
3 polymer 'PHD finger protein 12'
4 non-polymer 'ZINC ION'
5 non-polymer 'CALCIUM ION'
6 non-polymer 'ACETATE ION'
7 water water
#
loop_
_entity_poly.entity_id
_entity_poly.type
_entity_poly.pdbx_seq_one_letter_code
_entity_poly.pdbx_strand_id
1 'polypeptide(L)'
;MAHAGGGSGGSGAGGPAGRGLSGARWGRSGSAGHEKLPVHVEDALTYLDQVKIRFGSDPATYNGFLEIMKEFKSQSIDTP
GVIRRVSQLFHEHPDLIVGFNAFLPLGYRIDIPKNGKLNIQSPLTSQENSHNHGDGAEDFKQQVPYKEDKPQVPLESDSV
EFNNAISYVNKIKTRFLDHPEIYRSFLEILHTYQKEQLNTRGRPFRGMSEEEVFTEVANLFRGQEDLLSEFGQFLPEAKR
SLFTGNGPCEMHSVQKNEHDKTPEHSRKRSRPSLLRPVSAPAKKKMKLRGTKDLSIAAVGKYGTLQEFSFFDKVRRVLKS
QEVYENFLRCIALFNQELVSGSELLQLVSPFLGKFPELFAQFKSFLGVKELSFAPPMSDRSGDGISREIDYASCKRIGSS
YRALPKTYQQPKCSGRTAICKEVLNDTWVSFPSWSEDSTFVSSKKTPYEEQLHRCEDERFELDVVLETNLATIRVLESVQ
KKLSRMAPEDQEKFRLDDSLGGTSEVIQRRAIYRIYGDKAPEIIESLKKNPVTAVPVVLKRLKAKEEEWREAQQGFNKIW
REQYEKAYLKSLDHQAVNFKQNDTKALRSKSLLNEIESVYDEHQEQHSEGRSAPSSEPHLIFVYEDRQILEDAAALISYY
VKRQPAIQKEDQGTIHQLLHQFVPSLFFSQQLDLGASEESADEDRDSPQGQTTDPSERKKPAPGPHSSPPEEKGAFGDAP
ATEQPPLPPPAPHKPLDDVYSLFFANNNWYFFLRLHQTLCSRLLKIYRQAQKQLLEYRTEKEREKLLCEGRREKGSDPAM
ELRLKQPSEVELEEYYPAFLDMVRSLLEGSIDPTQYEDTLREMFTIHAYVGFTMDKLVQNIARQLHHLVSDDVCLKVVEL
YLNEKKRGAAGGNLSSRCVRAARETSYQWKAERCMADENCFKVMFLQRKGQVIMTIELLDTEEAQTEDPVEVQHLARYVE
QYVGTEGASSSPTEGFLLKPVFLQRNLKKFRRRWQSEQARALRGEARSSWKRLVGVESACDVDCRFKLSTHKMVFIVNSE
DYMYRRGTLCRAKQVQPLVLLRHHQHFEEWHSRWLEDNVTVEAASLVQDWLMGEEDEDMVPCKTLCETVHVHGLPVTRYR
VQYSRRPASP
;
A
2 'polypeptide(L)'
;MAYSQGGGKKKVCYYYDGDIGNYYYGQGHPMKPHRIRMTHNLLLNYGLYRKMEIYRPHKATAEEMTKYHSDEYIKFLRSI
RPDNMSEYSKQMQRFNVGEDCPVFDGLFEFCQLSTGGSVAGAVKLNRQQTDMAVNWAGGLHHAKKSEASGFCYVNDIVLA
ILELLKYHQRVLYIDIDIHHGDGVEEAFYTTDRVMTVSFHKYGEYFPGTGDLRDIGAGKGKYYAVNFPMRDGIDDESYGQ
IFKPIISKVMEMYQPSAVVLQCGADSLSGDRLGCFNLTVKGHAKCVEVVKTFNLPLLMLGGGGYTIRNVARCWTYETAVA
LDCEIPNELPYNDYFEYFGPDFKLHISPSNMTNQNTPEYMEKIKQRLFENLRMLPHAPGVQMQAIPEDAVHEDSGDEDGE
DPDKRISIRASDKRIACDEEFSDSEDEGEGGRRNVADHKKGAKKARIEEDKKETEDKKTDVKEEDKSKDNSGEKTDTKGT
KSEQLSNP
;
B
3 'polypeptide(L)'
;MWEKMETKTIVYDLDTSGGLMEQIQALLAPPKTDEAEKRSRKPEKEPRRSGRATNHDSCDSCKEGGDLLCCDHCPAAFHL
QCCNPPLSEEMLPPGEWMCHRCTVRRKKREQKKELGHVNGLVDKSGKRTTSPSSDTDLLDRSASKTELKAIAHARILERR
ASRPGTPTSSASTETPTSEQNDVDEDIIDVDEEPVAAEPDYVQPQLRRPFELLIAAAMERNPTQFQLPNELTCTTALPGS
SKRRRKEETTGKNVKKTQHELDHNGLVPLPVKVCFTCNRSCRVAPLIQCDYCPLLFHMDCLEPPLTAMPLGRWMCPNHIE
HVVLNQKNMTLSNRCQVFDRFQDTVSQHVVKVDFLNRIHKKHPP
;
C
#
# COMPACT_ATOMS: atom_id res chain seq x y z
N THR A 304 2.19 46.13 32.14
CA THR A 304 2.63 45.84 33.51
C THR A 304 3.68 44.73 33.52
N LEU A 305 3.89 44.13 34.70
CA LEU A 305 4.82 43.02 34.83
C LEU A 305 4.24 41.72 34.28
N GLN A 306 2.91 41.64 34.12
CA GLN A 306 2.30 40.44 33.56
C GLN A 306 2.75 40.20 32.13
N GLU A 307 2.85 41.26 31.33
CA GLU A 307 3.35 41.12 29.97
C GLU A 307 4.79 40.64 29.96
N PHE A 308 5.62 41.17 30.88
CA PHE A 308 7.00 40.72 30.98
C PHE A 308 7.07 39.24 31.34
N SER A 309 6.23 38.79 32.28
CA SER A 309 6.20 37.38 32.66
C SER A 309 5.75 36.51 31.49
N PHE A 310 4.75 36.97 30.74
CA PHE A 310 4.28 36.24 29.56
C PHE A 310 5.41 36.08 28.55
N PHE A 311 6.09 37.18 28.23
CA PHE A 311 7.18 37.10 27.26
C PHE A 311 8.32 36.24 27.79
N ASP A 312 8.56 36.30 29.10
CA ASP A 312 9.60 35.47 29.70
C ASP A 312 9.30 34.00 29.50
N LYS A 313 8.08 33.58 29.84
CA LYS A 313 7.76 32.17 29.68
C LYS A 313 7.74 31.76 28.22
N VAL A 314 7.33 32.65 27.30
CA VAL A 314 7.28 32.22 25.90
C VAL A 314 8.69 32.04 25.32
N ARG A 315 9.63 32.95 25.63
CA ARG A 315 10.95 32.73 25.05
C ARG A 315 11.68 31.60 25.77
N ARG A 316 11.31 31.33 27.03
CA ARG A 316 11.82 30.14 27.70
C ARG A 316 11.31 28.87 27.02
N VAL A 317 10.03 28.85 26.66
CA VAL A 317 9.42 27.62 26.15
C VAL A 317 9.79 27.39 24.68
N LEU A 318 10.05 28.44 23.93
CA LEU A 318 10.40 28.25 22.53
C LEU A 318 11.81 27.70 22.38
N LYS A 319 12.68 27.91 23.38
CA LYS A 319 13.99 27.28 23.49
C LYS A 319 14.96 27.73 22.40
N SER A 320 14.54 28.66 21.56
CA SER A 320 15.37 29.16 20.46
C SER A 320 15.13 30.64 20.28
N GLN A 321 16.06 31.27 19.55
CA GLN A 321 15.91 32.70 19.27
C GLN A 321 15.23 32.93 17.92
N GLU A 322 15.42 32.02 16.96
CA GLU A 322 14.85 32.22 15.64
C GLU A 322 13.33 32.06 15.64
N VAL A 323 12.82 31.03 16.32
CA VAL A 323 11.38 30.84 16.42
C VAL A 323 10.75 31.98 17.21
N TYR A 324 11.41 32.40 18.29
CA TYR A 324 10.93 33.53 19.08
C TYR A 324 10.88 34.80 18.23
N GLU A 325 11.91 35.02 17.41
CA GLU A 325 11.94 36.20 16.56
C GLU A 325 10.88 36.13 15.46
N ASN A 326 10.57 34.93 14.97
CA ASN A 326 9.46 34.77 14.05
C ASN A 326 8.13 35.15 14.73
N PHE A 327 7.96 34.75 15.99
CA PHE A 327 6.79 35.17 16.74
C PHE A 327 6.74 36.69 16.89
N LEU A 328 7.89 37.32 17.15
CA LEU A 328 7.94 38.78 17.25
C LEU A 328 7.62 39.43 15.91
N ARG A 329 8.08 38.85 14.80
CA ARG A 329 7.72 39.36 13.49
C ARG A 329 6.22 39.29 13.26
N CYS A 330 5.61 38.19 13.70
CA CYS A 330 4.15 38.07 13.60
C CYS A 330 3.45 39.17 14.38
N ILE A 331 3.85 39.37 15.64
CA ILE A 331 3.15 40.36 16.45
C ILE A 331 3.42 41.77 15.93
N ALA A 332 4.61 42.02 15.38
CA ALA A 332 4.90 43.33 14.81
C ALA A 332 4.08 43.58 13.56
N LEU A 333 3.97 42.58 12.68
CA LEU A 333 3.12 42.71 11.51
C LEU A 333 1.67 42.95 11.91
N PHE A 334 1.23 42.36 13.02
CA PHE A 334 -0.08 42.72 13.56
C PHE A 334 -0.09 44.19 13.96
N ASN A 335 0.95 44.64 14.65
CA ASN A 335 0.97 46.00 15.20
C ASN A 335 0.88 47.07 14.12
N GLN A 336 1.28 46.76 12.89
CA GLN A 336 1.20 47.71 11.78
C GLN A 336 -0.18 47.75 11.12
N GLU A 337 -1.21 47.25 11.81
CA GLU A 337 -2.61 47.29 11.38
C GLU A 337 -2.86 46.53 10.09
N LEU A 338 -1.99 45.59 9.73
CA LEU A 338 -2.22 44.73 8.58
C LEU A 338 -2.89 43.42 8.94
N VAL A 339 -3.12 43.17 10.23
CA VAL A 339 -3.61 41.89 10.71
C VAL A 339 -4.76 42.13 11.69
N SER A 340 -5.87 41.45 11.47
CA SER A 340 -7.01 41.49 12.39
C SER A 340 -6.77 40.56 13.58
N GLY A 341 -7.60 40.72 14.61
CA GLY A 341 -7.41 39.94 15.82
C GLY A 341 -7.59 38.44 15.60
N SER A 342 -8.66 38.05 14.90
CA SER A 342 -8.89 36.64 14.62
C SER A 342 -7.79 36.07 13.74
N GLU A 343 -7.38 36.83 12.72
CA GLU A 343 -6.25 36.41 11.89
C GLU A 343 -4.98 36.34 12.72
N LEU A 344 -4.81 37.27 13.67
CA LEU A 344 -3.63 37.25 14.52
C LEU A 344 -3.57 35.97 15.35
N LEU A 345 -4.71 35.56 15.93
CA LEU A 345 -4.69 34.35 16.73
C LEU A 345 -4.54 33.10 15.84
N GLN A 346 -5.09 33.13 14.63
CA GLN A 346 -4.90 31.98 13.76
C GLN A 346 -3.46 31.86 13.27
N LEU A 347 -2.73 32.99 13.18
CA LEU A 347 -1.30 32.92 12.92
C LEU A 347 -0.47 32.52 14.13
N VAL A 348 -0.89 32.92 15.34
CA VAL A 348 -0.13 32.55 16.52
C VAL A 348 -0.43 31.14 16.98
N SER A 349 -1.50 30.52 16.47
CA SER A 349 -1.82 29.15 16.84
C SER A 349 -0.70 28.14 16.59
N PRO A 350 0.06 28.18 15.48
CA PRO A 350 1.18 27.23 15.36
C PRO A 350 2.19 27.34 16.48
N PHE A 351 2.48 28.54 16.99
CA PHE A 351 3.49 28.68 18.03
C PHE A 351 3.00 28.18 19.38
N LEU A 352 1.75 28.48 19.73
CA LEU A 352 1.22 28.20 21.05
C LEU A 352 0.02 27.25 21.01
N GLY A 353 0.03 26.29 20.09
CA GLY A 353 -1.05 25.32 20.02
C GLY A 353 -0.98 24.19 21.01
N LYS A 354 0.14 24.03 21.72
CA LYS A 354 0.31 22.95 22.67
C LYS A 354 0.38 23.41 24.11
N PHE A 355 0.27 24.72 24.38
CA PHE A 355 0.20 25.24 25.74
C PHE A 355 -1.18 25.87 25.92
N PRO A 356 -2.15 25.15 26.47
CA PRO A 356 -3.48 25.75 26.69
C PRO A 356 -3.44 26.96 27.61
N GLU A 357 -2.59 26.94 28.63
CA GLU A 357 -2.48 28.07 29.53
C GLU A 357 -1.95 29.31 28.81
N LEU A 358 -0.87 29.13 28.03
CA LEU A 358 -0.31 30.25 27.29
C LEU A 358 -1.29 30.77 26.25
N PHE A 359 -1.99 29.87 25.57
CA PHE A 359 -2.95 30.30 24.56
C PHE A 359 -4.11 31.07 25.20
N ALA A 360 -4.61 30.59 26.34
CA ALA A 360 -5.68 31.29 27.03
C ALA A 360 -5.22 32.66 27.51
N GLN A 361 -3.98 32.75 28.02
CA GLN A 361 -3.45 34.03 28.46
C GLN A 361 -3.32 35.00 27.29
N PHE A 362 -2.85 34.51 26.15
CA PHE A 362 -2.74 35.38 24.98
C PHE A 362 -4.10 35.82 24.48
N LYS A 363 -5.10 34.93 24.52
CA LYS A 363 -6.44 35.32 24.11
C LYS A 363 -7.01 36.39 25.04
N SER A 364 -6.80 36.23 26.35
CA SER A 364 -7.24 37.25 27.29
C SER A 364 -6.52 38.57 27.06
N PHE A 365 -5.22 38.52 26.77
CA PHE A 365 -4.48 39.73 26.47
C PHE A 365 -5.02 40.43 25.23
N LEU A 366 -5.36 39.65 24.20
CA LEU A 366 -6.01 40.22 23.02
C LEU A 366 -7.41 40.70 23.36
N GLY A 367 -8.20 39.86 24.02
CA GLY A 367 -9.57 40.20 24.37
C GLY A 367 -10.50 40.16 23.17
N CYS A 394 -3.28 33.97 -15.40
CA CYS A 394 -3.85 32.64 -15.21
C CYS A 394 -3.96 32.28 -13.73
N LYS A 395 -5.04 31.60 -13.38
CA LYS A 395 -5.29 31.25 -11.99
C LYS A 395 -4.93 29.79 -11.73
N ARG A 396 -4.83 29.45 -10.44
CA ARG A 396 -4.39 28.14 -9.99
C ARG A 396 -5.23 27.71 -8.80
N ILE A 397 -5.57 26.43 -8.74
CA ILE A 397 -6.37 25.87 -7.66
C ILE A 397 -5.77 24.55 -7.23
N GLY A 398 -6.09 24.13 -6.00
CA GLY A 398 -5.59 22.87 -5.49
C GLY A 398 -4.08 22.81 -5.46
N SER A 399 -3.53 21.72 -6.00
CA SER A 399 -2.09 21.58 -6.11
C SER A 399 -1.63 21.05 -7.47
N SER A 400 -2.54 20.56 -8.31
CA SER A 400 -2.12 19.94 -9.55
C SER A 400 -3.01 20.32 -10.74
N TYR A 401 -3.84 21.35 -10.61
CA TYR A 401 -4.71 21.80 -11.69
C TYR A 401 -4.33 23.21 -12.10
N ARG A 402 -4.21 23.43 -13.41
CA ARG A 402 -3.91 24.73 -13.97
C ARG A 402 -5.06 25.17 -14.87
N ALA A 403 -5.31 26.48 -14.89
CA ALA A 403 -6.35 27.03 -15.73
C ALA A 403 -5.92 27.03 -17.18
N LEU A 404 -6.80 26.57 -18.07
CA LEU A 404 -6.51 26.62 -19.49
C LEU A 404 -6.57 28.08 -19.97
N PRO A 405 -5.81 28.42 -21.02
CA PRO A 405 -5.91 29.78 -21.57
C PRO A 405 -7.32 30.07 -22.06
N LYS A 406 -7.78 31.30 -21.80
CA LYS A 406 -9.09 31.72 -22.30
C LYS A 406 -9.09 31.78 -23.82
N THR A 407 -8.03 32.32 -24.40
CA THR A 407 -7.85 32.37 -25.86
C THR A 407 -7.14 31.12 -26.36
N TYR A 408 -7.72 29.97 -26.06
CA TYR A 408 -7.21 28.68 -26.49
C TYR A 408 -8.29 27.95 -27.28
N GLN A 409 -7.93 27.51 -28.48
CA GLN A 409 -8.89 26.87 -29.38
C GLN A 409 -9.21 25.47 -28.85
N GLN A 410 -10.29 25.37 -28.08
CA GLN A 410 -10.69 24.09 -27.54
C GLN A 410 -11.01 23.12 -28.67
N PRO A 411 -10.46 21.91 -28.66
CA PRO A 411 -10.67 20.99 -29.78
C PRO A 411 -12.13 20.62 -29.92
N LYS A 412 -12.68 20.84 -31.12
CA LYS A 412 -14.10 20.63 -31.36
C LYS A 412 -14.47 19.16 -31.22
N CYS A 413 -15.70 18.91 -30.78
CA CYS A 413 -16.24 17.57 -30.65
C CYS A 413 -17.61 17.53 -31.32
N SER A 414 -17.91 16.42 -31.98
CA SER A 414 -19.12 16.35 -32.79
C SER A 414 -20.31 15.77 -32.02
N GLY A 415 -20.06 14.96 -31.00
CA GLY A 415 -21.12 14.31 -30.25
C GLY A 415 -21.62 15.05 -29.03
N ARG A 416 -21.20 16.29 -28.81
CA ARG A 416 -21.53 17.00 -27.58
C ARG A 416 -23.03 17.29 -27.55
N THR A 417 -23.73 16.62 -26.65
CA THR A 417 -25.14 16.91 -26.38
C THR A 417 -25.22 17.91 -25.24
N ALA A 418 -26.44 18.21 -24.77
CA ALA A 418 -26.62 19.24 -23.75
C ALA A 418 -25.90 18.86 -22.45
N ILE A 419 -26.03 17.61 -22.02
CA ILE A 419 -25.35 17.18 -20.81
C ILE A 419 -23.84 17.25 -21.01
N CYS A 420 -23.35 16.98 -22.22
CA CYS A 420 -21.93 17.09 -22.49
C CYS A 420 -21.43 18.52 -22.27
N LYS A 421 -22.17 19.52 -22.78
CA LYS A 421 -21.75 20.90 -22.57
C LYS A 421 -21.84 21.29 -21.10
N GLU A 422 -22.93 20.94 -20.43
CA GLU A 422 -23.16 21.46 -19.09
C GLU A 422 -22.33 20.73 -18.04
N VAL A 423 -21.87 19.51 -18.32
CA VAL A 423 -21.25 18.68 -17.30
C VAL A 423 -19.74 18.64 -17.44
N LEU A 424 -19.24 18.56 -18.67
CA LEU A 424 -17.82 18.28 -18.88
C LEU A 424 -16.95 19.47 -18.51
N ASN A 425 -15.81 19.19 -17.88
CA ASN A 425 -14.85 20.22 -17.51
C ASN A 425 -14.17 20.78 -18.76
N ASP A 426 -13.93 22.10 -18.73
CA ASP A 426 -13.38 22.77 -19.89
C ASP A 426 -12.25 23.74 -19.58
N THR A 427 -12.04 24.11 -18.32
CA THR A 427 -11.11 25.19 -17.98
C THR A 427 -9.87 24.73 -17.22
N TRP A 428 -9.93 23.61 -16.50
CA TRP A 428 -8.81 23.15 -15.69
C TRP A 428 -8.20 21.90 -16.29
N VAL A 429 -6.87 21.80 -16.23
CA VAL A 429 -6.14 20.65 -16.73
C VAL A 429 -5.13 20.20 -15.68
N SER A 430 -4.90 18.89 -15.64
CA SER A 430 -3.86 18.30 -14.81
C SER A 430 -2.80 17.70 -15.72
N PHE A 431 -1.53 17.82 -15.31
CA PHE A 431 -0.43 17.34 -16.12
C PHE A 431 0.19 16.12 -15.46
N PRO A 432 0.16 14.95 -16.09
CA PRO A 432 0.77 13.75 -15.47
C PRO A 432 2.27 13.93 -15.34
N SER A 433 2.76 13.80 -14.12
CA SER A 433 4.15 14.12 -13.80
C SER A 433 5.11 12.97 -13.98
N TRP A 434 4.66 11.73 -13.87
CA TRP A 434 5.51 10.57 -14.00
C TRP A 434 5.05 9.68 -15.16
N SER A 435 5.69 8.52 -15.28
CA SER A 435 5.33 7.54 -16.28
C SER A 435 5.24 6.17 -15.63
N GLU A 436 4.30 5.35 -16.09
CA GLU A 436 4.18 4.00 -15.59
C GLU A 436 5.37 3.16 -16.07
N ASP A 437 5.53 1.99 -15.47
CA ASP A 437 6.70 1.14 -15.69
C ASP A 437 7.99 1.90 -15.37
N SER A 438 7.96 2.63 -14.25
CA SER A 438 9.09 3.46 -13.85
C SER A 438 10.20 2.59 -13.24
N THR A 439 11.23 3.23 -12.71
CA THR A 439 12.36 2.50 -12.11
C THR A 439 11.90 1.92 -10.78
N PHE A 440 11.28 0.75 -10.85
CA PHE A 440 10.72 0.09 -9.68
C PHE A 440 11.29 -1.31 -9.52
N VAL A 441 12.27 -1.69 -10.34
CA VAL A 441 12.79 -3.05 -10.35
C VAL A 441 13.41 -3.40 -9.00
N SER A 442 14.27 -2.53 -8.47
CA SER A 442 14.93 -2.79 -7.20
C SER A 442 14.38 -1.93 -6.06
N SER A 443 13.25 -1.25 -6.27
CA SER A 443 12.76 -0.31 -5.27
C SER A 443 12.30 -1.02 -4.00
N LYS A 444 11.44 -2.04 -4.14
CA LYS A 444 10.88 -2.72 -2.98
C LYS A 444 10.76 -4.23 -3.13
N LYS A 445 11.12 -4.80 -4.27
CA LYS A 445 10.86 -6.21 -4.54
C LYS A 445 12.07 -7.08 -4.23
N THR A 446 11.81 -8.27 -3.72
CA THR A 446 12.84 -9.26 -3.48
C THR A 446 13.34 -9.85 -4.80
N PRO A 447 14.53 -10.44 -4.80
CA PRO A 447 15.02 -11.08 -6.03
C PRO A 447 14.18 -12.26 -6.51
N TYR A 448 13.37 -12.85 -5.64
CA TYR A 448 12.57 -14.01 -5.98
C TYR A 448 11.18 -13.67 -6.50
N GLU A 449 10.79 -12.39 -6.46
CA GLU A 449 9.62 -11.94 -7.20
C GLU A 449 9.92 -11.68 -8.67
N GLU A 450 11.14 -11.25 -8.97
CA GLU A 450 11.50 -10.95 -10.34
C GLU A 450 11.58 -12.23 -11.17
N GLN A 451 12.06 -13.33 -10.58
CA GLN A 451 12.05 -14.60 -11.29
C GLN A 451 10.63 -15.05 -11.61
N LEU A 452 9.71 -14.88 -10.65
CA LEU A 452 8.32 -15.22 -10.90
C LEU A 452 7.72 -14.35 -12.01
N HIS A 453 8.03 -13.06 -12.00
CA HIS A 453 7.55 -12.17 -13.06
C HIS A 453 8.08 -12.60 -14.42
N ARG A 454 9.37 -12.92 -14.49
CA ARG A 454 9.97 -13.35 -15.75
C ARG A 454 9.35 -14.65 -16.25
N CYS A 455 9.14 -15.61 -15.35
CA CYS A 455 8.50 -16.87 -15.74
C CYS A 455 7.08 -16.63 -16.23
N GLU A 456 6.36 -15.76 -15.54
CA GLU A 456 4.96 -15.46 -15.94
C GLU A 456 4.96 -14.87 -17.35
N ASP A 457 5.80 -13.86 -17.60
CA ASP A 457 5.89 -13.24 -18.95
C ASP A 457 6.18 -14.33 -19.97
N GLU A 458 7.24 -15.10 -19.72
CA GLU A 458 7.62 -16.16 -20.65
C GLU A 458 6.43 -17.06 -20.97
N ARG A 459 5.64 -17.40 -19.96
CA ARG A 459 4.43 -18.19 -20.19
C ARG A 459 3.45 -17.43 -21.08
N PHE A 460 3.27 -16.13 -20.81
CA PHE A 460 2.27 -15.35 -21.52
C PHE A 460 2.57 -15.22 -23.01
N GLU A 461 3.85 -15.02 -23.35
CA GLU A 461 4.21 -14.83 -24.78
C GLU A 461 3.83 -16.07 -25.58
N LEU A 462 4.22 -17.26 -25.11
CA LEU A 462 3.91 -18.51 -25.78
C LEU A 462 2.41 -18.75 -25.82
N ASP A 463 1.72 -18.49 -24.70
CA ASP A 463 0.29 -18.75 -24.65
C ASP A 463 -0.49 -17.86 -25.61
N VAL A 464 -0.09 -16.58 -25.72
CA VAL A 464 -0.83 -15.66 -26.59
C VAL A 464 -0.63 -16.04 -28.05
N VAL A 465 0.59 -16.44 -28.43
CA VAL A 465 0.81 -16.91 -29.80
C VAL A 465 -0.03 -18.15 -30.08
N LEU A 466 -0.02 -19.10 -29.13
CA LEU A 466 -0.76 -20.34 -29.31
C LEU A 466 -2.25 -20.09 -29.47
N GLU A 467 -2.81 -19.20 -28.64
CA GLU A 467 -4.24 -18.99 -28.68
C GLU A 467 -4.67 -18.18 -29.90
N THR A 468 -3.81 -17.27 -30.39
CA THR A 468 -4.11 -16.64 -31.67
C THR A 468 -4.16 -17.68 -32.79
N ASN A 469 -3.18 -18.58 -32.82
CA ASN A 469 -3.18 -19.63 -33.83
C ASN A 469 -4.42 -20.50 -33.73
N LEU A 470 -4.81 -20.87 -32.52
CA LEU A 470 -5.96 -21.75 -32.34
C LEU A 470 -7.27 -21.08 -32.72
N ALA A 471 -7.41 -19.79 -32.39
CA ALA A 471 -8.60 -19.05 -32.81
C ALA A 471 -8.70 -18.96 -34.32
N THR A 472 -7.57 -18.70 -34.99
CA THR A 472 -7.59 -18.68 -36.46
C THR A 472 -7.95 -20.05 -37.01
N ILE A 473 -7.45 -21.12 -36.39
CA ILE A 473 -7.80 -22.47 -36.82
C ILE A 473 -9.30 -22.68 -36.73
N ARG A 474 -9.91 -22.26 -35.62
CA ARG A 474 -11.35 -22.43 -35.47
C ARG A 474 -12.11 -21.62 -36.51
N VAL A 475 -11.67 -20.39 -36.78
CA VAL A 475 -12.36 -19.57 -37.78
C VAL A 475 -12.30 -20.22 -39.15
N LEU A 476 -11.13 -20.73 -39.53
CA LEU A 476 -11.00 -21.38 -40.83
C LEU A 476 -11.79 -22.68 -40.90
N GLU A 477 -11.86 -23.42 -39.79
CA GLU A 477 -12.69 -24.61 -39.77
C GLU A 477 -14.15 -24.26 -39.98
N SER A 478 -14.62 -23.19 -39.33
CA SER A 478 -16.01 -22.78 -39.51
C SER A 478 -16.30 -22.35 -40.94
N VAL A 479 -15.39 -21.57 -41.55
CA VAL A 479 -15.66 -21.14 -42.92
C VAL A 479 -15.59 -22.32 -43.88
N GLN A 480 -14.69 -23.28 -43.63
CA GLN A 480 -14.65 -24.48 -44.46
C GLN A 480 -15.92 -25.31 -44.33
N LYS A 481 -16.44 -25.43 -43.11
CA LYS A 481 -17.68 -26.16 -42.91
C LYS A 481 -18.85 -25.48 -43.62
N LYS A 482 -18.89 -24.14 -43.57
CA LYS A 482 -19.91 -23.42 -44.33
C LYS A 482 -19.75 -23.63 -45.82
N LEU A 483 -18.50 -23.61 -46.31
CA LEU A 483 -18.24 -23.76 -47.74
C LEU A 483 -18.64 -25.13 -48.25
N SER A 484 -18.40 -26.17 -47.46
CA SER A 484 -18.65 -27.53 -47.93
C SER A 484 -20.14 -27.84 -48.09
N ARG A 485 -21.03 -26.98 -47.59
CA ARG A 485 -22.45 -27.28 -47.57
C ARG A 485 -23.23 -26.68 -48.74
N MET A 486 -22.58 -25.90 -49.61
CA MET A 486 -23.30 -25.22 -50.68
C MET A 486 -22.92 -25.79 -52.05
N ALA A 487 -23.61 -25.29 -53.08
CA ALA A 487 -23.52 -25.86 -54.42
C ALA A 487 -22.13 -25.67 -55.01
N PRO A 488 -21.66 -26.62 -55.82
CA PRO A 488 -20.31 -26.48 -56.41
C PRO A 488 -20.19 -25.35 -57.41
N GLU A 489 -21.27 -24.99 -58.11
CA GLU A 489 -21.21 -23.86 -59.02
C GLU A 489 -21.16 -22.52 -58.30
N ASP A 490 -21.45 -22.50 -57.00
CA ASP A 490 -21.37 -21.27 -56.21
C ASP A 490 -20.08 -21.17 -55.40
N GLN A 491 -19.36 -22.28 -55.21
CA GLN A 491 -18.16 -22.24 -54.39
C GLN A 491 -17.09 -21.33 -55.00
N GLU A 492 -16.90 -21.41 -56.32
CA GLU A 492 -15.93 -20.52 -56.96
C GLU A 492 -16.36 -19.06 -56.88
N LYS A 493 -17.63 -18.80 -56.60
CA LYS A 493 -18.14 -17.44 -56.42
C LYS A 493 -18.03 -16.96 -54.97
N PHE A 494 -17.64 -17.84 -54.05
CA PHE A 494 -17.46 -17.42 -52.66
C PHE A 494 -16.13 -16.70 -52.49
N ARG A 495 -16.14 -15.63 -51.70
CA ARG A 495 -14.93 -14.85 -51.44
C ARG A 495 -14.88 -14.46 -49.97
N LEU A 496 -13.70 -14.01 -49.55
CA LEU A 496 -13.46 -13.58 -48.18
C LEU A 496 -12.87 -12.18 -48.16
N ASP A 497 -13.18 -11.44 -47.09
CA ASP A 497 -12.65 -10.10 -46.90
C ASP A 497 -11.42 -10.16 -46.01
N ASP A 498 -10.92 -8.98 -45.60
CA ASP A 498 -9.71 -8.95 -44.79
C ASP A 498 -9.95 -9.44 -43.37
N SER A 499 -11.20 -9.66 -42.98
CA SER A 499 -11.48 -10.34 -41.72
C SER A 499 -11.31 -11.84 -41.83
N LEU A 500 -11.26 -12.37 -43.05
CA LEU A 500 -11.00 -13.80 -43.31
C LEU A 500 -12.02 -14.69 -42.60
N GLY A 501 -13.27 -14.24 -42.55
CA GLY A 501 -14.33 -15.00 -41.94
C GLY A 501 -14.54 -14.75 -40.46
N GLY A 502 -13.57 -14.14 -39.79
CA GLY A 502 -13.70 -13.81 -38.38
C GLY A 502 -14.34 -12.46 -38.17
N THR A 503 -14.46 -12.09 -36.91
CA THR A 503 -15.03 -10.81 -36.52
C THR A 503 -13.99 -9.71 -36.39
N SER A 504 -12.73 -10.00 -36.67
CA SER A 504 -11.66 -9.03 -36.55
C SER A 504 -10.89 -8.93 -37.86
N GLU A 505 -10.45 -7.72 -38.18
CA GLU A 505 -9.74 -7.45 -39.42
C GLU A 505 -8.23 -7.61 -39.29
N VAL A 506 -7.73 -7.98 -38.10
CA VAL A 506 -6.30 -7.98 -37.81
C VAL A 506 -5.82 -9.36 -37.35
N ILE A 507 -6.58 -10.01 -36.48
CA ILE A 507 -6.08 -11.17 -35.74
C ILE A 507 -5.73 -12.32 -36.68
N GLN A 508 -6.64 -12.65 -37.59
CA GLN A 508 -6.39 -13.76 -38.51
C GLN A 508 -5.18 -13.48 -39.40
N ARG A 509 -5.07 -12.25 -39.90
CA ARG A 509 -3.92 -11.88 -40.69
C ARG A 509 -2.65 -11.92 -39.85
N ARG A 510 -2.75 -11.56 -38.57
CA ARG A 510 -1.58 -11.66 -37.69
C ARG A 510 -1.11 -13.10 -37.55
N ALA A 511 -2.04 -14.03 -37.35
CA ALA A 511 -1.67 -15.44 -37.23
C ALA A 511 -1.05 -15.96 -38.52
N ILE A 512 -1.63 -15.60 -39.66
CA ILE A 512 -1.09 -16.06 -40.94
C ILE A 512 0.29 -15.47 -41.18
N TYR A 513 0.48 -14.20 -40.82
CA TYR A 513 1.78 -13.57 -40.94
C TYR A 513 2.81 -14.30 -40.09
N ARG A 514 2.44 -14.63 -38.85
CA ARG A 514 3.36 -15.34 -37.97
C ARG A 514 3.73 -16.70 -38.55
N ILE A 515 2.76 -17.39 -39.15
CA ILE A 515 3.04 -18.72 -39.70
C ILE A 515 3.94 -18.63 -40.94
N TYR A 516 3.67 -17.67 -41.82
CA TYR A 516 4.24 -17.71 -43.17
C TYR A 516 5.35 -16.70 -43.42
N GLY A 517 5.68 -15.83 -42.46
CA GLY A 517 6.77 -14.90 -42.68
C GLY A 517 6.43 -13.92 -43.79
N ASP A 518 7.38 -13.74 -44.72
CA ASP A 518 7.22 -12.76 -45.79
C ASP A 518 6.21 -13.21 -46.84
N LYS A 519 5.98 -14.51 -46.99
CA LYS A 519 5.02 -15.02 -47.95
C LYS A 519 3.58 -14.87 -47.51
N ALA A 520 3.33 -14.14 -46.41
CA ALA A 520 1.96 -13.98 -45.91
C ALA A 520 1.04 -13.27 -46.89
N PRO A 521 1.42 -12.15 -47.53
CA PRO A 521 0.46 -11.49 -48.44
C PRO A 521 -0.04 -12.36 -49.57
N GLU A 522 0.82 -13.20 -50.15
CA GLU A 522 0.38 -14.07 -51.23
C GLU A 522 -0.65 -15.09 -50.74
N ILE A 523 -0.42 -15.68 -49.57
CA ILE A 523 -1.38 -16.62 -49.01
C ILE A 523 -2.68 -15.91 -48.65
N ILE A 524 -2.60 -14.67 -48.17
CA ILE A 524 -3.79 -13.93 -47.81
C ILE A 524 -4.62 -13.60 -49.05
N GLU A 525 -3.95 -13.18 -50.12
CA GLU A 525 -4.65 -12.92 -51.38
C GLU A 525 -5.28 -14.19 -51.93
N SER A 526 -4.57 -15.32 -51.81
CA SER A 526 -5.15 -16.60 -52.25
C SER A 526 -6.38 -16.96 -51.44
N LEU A 527 -6.33 -16.74 -50.12
CA LEU A 527 -7.47 -17.05 -49.27
C LEU A 527 -8.66 -16.15 -49.58
N LYS A 528 -8.41 -14.87 -49.82
CA LYS A 528 -9.51 -13.96 -50.13
C LYS A 528 -10.11 -14.23 -51.50
N LYS A 529 -9.27 -14.47 -52.51
CA LYS A 529 -9.73 -14.66 -53.87
C LYS A 529 -10.34 -16.05 -54.10
N ASN A 530 -9.61 -17.10 -53.74
CA ASN A 530 -10.01 -18.48 -53.99
C ASN A 530 -10.00 -19.24 -52.67
N PRO A 531 -11.06 -19.10 -51.87
CA PRO A 531 -11.08 -19.80 -50.57
C PRO A 531 -11.17 -21.31 -50.69
N VAL A 532 -11.86 -21.83 -51.70
CA VAL A 532 -12.17 -23.26 -51.74
C VAL A 532 -10.89 -24.10 -51.81
N THR A 533 -9.95 -23.70 -52.67
CA THR A 533 -8.72 -24.46 -52.81
C THR A 533 -7.65 -24.08 -51.79
N ALA A 534 -7.72 -22.88 -51.21
CA ALA A 534 -6.66 -22.38 -50.33
C ALA A 534 -6.92 -22.66 -48.86
N VAL A 535 -8.18 -22.80 -48.44
CA VAL A 535 -8.47 -22.98 -47.01
C VAL A 535 -7.89 -24.27 -46.45
N PRO A 536 -8.09 -25.45 -47.06
CA PRO A 536 -7.60 -26.68 -46.42
C PRO A 536 -6.10 -26.73 -46.19
N VAL A 537 -5.29 -26.20 -47.12
CA VAL A 537 -3.84 -26.27 -46.95
C VAL A 537 -3.39 -25.36 -45.82
N VAL A 538 -4.01 -24.18 -45.70
CA VAL A 538 -3.69 -23.28 -44.60
C VAL A 538 -4.10 -23.93 -43.27
N LEU A 539 -5.26 -24.58 -43.26
CA LEU A 539 -5.71 -25.27 -42.05
C LEU A 539 -4.75 -26.38 -41.65
N LYS A 540 -4.26 -27.16 -42.63
CA LYS A 540 -3.31 -28.22 -42.33
C LYS A 540 -2.03 -27.66 -41.73
N ARG A 541 -1.48 -26.61 -42.34
CA ARG A 541 -0.26 -26.00 -41.84
C ARG A 541 -0.46 -25.48 -40.41
N LEU A 542 -1.58 -24.79 -40.17
CA LEU A 542 -1.85 -24.26 -38.84
C LEU A 542 -1.99 -25.37 -37.81
N LYS A 543 -2.64 -26.47 -38.18
CA LYS A 543 -2.80 -27.58 -37.24
C LYS A 543 -1.45 -28.22 -36.89
N ALA A 544 -0.60 -28.41 -37.90
CA ALA A 544 0.72 -28.98 -37.63
C ALA A 544 1.53 -28.09 -36.70
N LYS A 545 1.51 -26.78 -36.97
CA LYS A 545 2.23 -25.85 -36.10
C LYS A 545 1.63 -25.84 -34.69
N GLU A 546 0.31 -25.97 -34.59
CA GLU A 546 -0.33 -26.01 -33.28
C GLU A 546 0.12 -27.22 -32.48
N GLU A 547 0.19 -28.39 -33.11
CA GLU A 547 0.63 -29.58 -32.40
C GLU A 547 2.08 -29.46 -31.94
N GLU A 548 2.96 -28.99 -32.83
CA GLU A 548 4.36 -28.83 -32.44
C GLU A 548 4.50 -27.84 -31.29
N TRP A 549 3.79 -26.72 -31.36
CA TRP A 549 3.87 -25.74 -30.29
C TRP A 549 3.28 -26.27 -28.99
N ARG A 550 2.24 -27.10 -29.07
CA ARG A 550 1.66 -27.69 -27.86
C ARG A 550 2.65 -28.61 -27.16
N GLU A 551 3.36 -29.45 -27.91
CA GLU A 551 4.33 -30.32 -27.26
C GLU A 551 5.50 -29.53 -26.69
N ALA A 552 5.96 -28.50 -27.41
CA ALA A 552 6.99 -27.63 -26.86
C ALA A 552 6.52 -26.95 -25.59
N GLN A 553 5.26 -26.54 -25.54
CA GLN A 553 4.72 -25.92 -24.34
C GLN A 553 4.62 -26.91 -23.19
N GLN A 554 4.35 -28.18 -23.49
CA GLN A 554 4.34 -29.18 -22.43
C GLN A 554 5.74 -29.31 -21.79
N GLY A 555 6.78 -29.36 -22.64
CA GLY A 555 8.13 -29.37 -22.10
C GLY A 555 8.44 -28.12 -21.28
N PHE A 556 8.06 -26.95 -21.81
CA PHE A 556 8.33 -25.70 -21.10
C PHE A 556 7.56 -25.62 -19.79
N ASN A 557 6.34 -26.18 -19.75
CA ASN A 557 5.58 -26.27 -18.51
C ASN A 557 6.31 -27.12 -17.49
N LYS A 558 6.90 -28.24 -17.94
CA LYS A 558 7.69 -29.05 -17.04
C LYS A 558 8.86 -28.27 -16.46
N ILE A 559 9.53 -27.47 -17.29
CA ILE A 559 10.68 -26.70 -16.80
C ILE A 559 10.21 -25.57 -15.87
N TRP A 560 9.12 -24.89 -16.21
CA TRP A 560 8.67 -23.73 -15.44
C TRP A 560 8.28 -24.10 -14.03
N ARG A 561 7.69 -25.28 -13.83
CA ARG A 561 7.48 -25.80 -12.49
C ARG A 561 8.82 -25.94 -11.78
N GLU A 562 8.76 -26.15 -10.47
CA GLU A 562 9.92 -26.21 -9.57
C GLU A 562 10.78 -24.96 -9.68
N GLN A 563 10.30 -23.95 -10.40
CA GLN A 563 10.77 -22.58 -10.25
C GLN A 563 9.78 -21.74 -9.45
N TYR A 564 8.49 -21.92 -9.73
CA TYR A 564 7.46 -21.41 -8.85
C TYR A 564 7.62 -22.00 -7.45
N GLU A 565 7.91 -23.30 -7.37
CA GLU A 565 8.09 -23.95 -6.07
C GLU A 565 9.29 -23.36 -5.32
N LYS A 566 10.39 -23.11 -6.04
CA LYS A 566 11.57 -22.55 -5.39
C LYS A 566 11.46 -21.07 -5.12
N ALA A 567 10.50 -20.36 -5.72
CA ALA A 567 10.45 -18.91 -5.59
C ALA A 567 9.26 -18.38 -4.79
N TYR A 568 8.19 -19.15 -4.63
CA TYR A 568 6.95 -18.59 -4.10
C TYR A 568 7.11 -18.14 -2.64
N LEU A 569 7.47 -19.06 -1.75
CA LEU A 569 7.54 -18.73 -0.34
C LEU A 569 8.62 -17.69 -0.05
N LYS A 570 9.71 -17.72 -0.80
CA LYS A 570 10.74 -16.70 -0.63
C LYS A 570 10.32 -15.34 -1.19
N SER A 571 9.37 -15.32 -2.11
CA SER A 571 8.92 -14.04 -2.65
C SER A 571 8.03 -13.29 -1.67
N LEU A 572 7.30 -14.00 -0.81
CA LEU A 572 6.41 -13.37 0.14
C LEU A 572 7.11 -12.90 1.41
N ASP A 573 8.35 -13.32 1.66
CA ASP A 573 9.07 -12.95 2.88
C ASP A 573 9.98 -11.77 2.55
N HIS A 574 9.49 -10.55 2.82
CA HIS A 574 10.17 -9.33 2.42
C HIS A 574 11.21 -8.85 3.40
N GLN A 575 11.40 -9.52 4.54
CA GLN A 575 12.19 -8.95 5.61
C GLN A 575 13.39 -9.77 6.05
N ALA A 576 13.51 -11.04 5.62
CA ALA A 576 14.55 -11.91 6.16
C ALA A 576 15.94 -11.33 5.94
N VAL A 577 16.24 -10.88 4.72
CA VAL A 577 17.58 -10.38 4.41
C VAL A 577 17.90 -9.14 5.25
N ASN A 578 16.94 -8.22 5.35
CA ASN A 578 17.12 -7.06 6.22
C ASN A 578 17.14 -7.47 7.69
N PHE A 579 16.22 -8.37 8.08
CA PHE A 579 16.01 -8.67 9.48
C PHE A 579 17.24 -9.33 10.10
N LYS A 580 17.92 -10.20 9.37
CA LYS A 580 19.05 -10.91 9.97
C LYS A 580 20.11 -9.94 10.45
N GLN A 581 20.57 -9.03 9.58
CA GLN A 581 21.59 -8.07 9.97
C GLN A 581 21.04 -7.05 10.96
N ASN A 582 19.81 -6.58 10.76
CA ASN A 582 19.25 -5.58 11.68
C ASN A 582 19.13 -6.13 13.09
N ASP A 583 18.79 -7.41 13.22
CA ASP A 583 18.67 -8.03 14.54
C ASP A 583 20.04 -8.35 15.12
N THR A 584 20.99 -8.78 14.27
CA THR A 584 22.33 -9.06 14.78
C THR A 584 22.98 -7.79 15.31
N LYS A 585 22.57 -6.62 14.81
CA LYS A 585 23.03 -5.39 15.43
C LYS A 585 22.16 -4.96 16.61
N ALA A 586 20.84 -5.08 16.49
CA ALA A 586 19.93 -4.45 17.45
C ALA A 586 20.06 -5.01 18.86
N LEU A 587 20.76 -6.13 19.04
CA LEU A 587 20.87 -6.78 20.34
C LEU A 587 22.17 -6.48 21.07
N ARG A 588 23.06 -5.69 20.48
CA ARG A 588 24.30 -5.34 21.18
C ARG A 588 23.99 -4.51 22.42
N SER A 589 24.89 -4.60 23.40
CA SER A 589 24.69 -3.88 24.66
C SER A 589 24.61 -2.38 24.43
N LYS A 590 25.46 -1.85 23.55
CA LYS A 590 25.45 -0.40 23.30
C LYS A 590 24.13 0.05 22.69
N SER A 591 23.56 -0.76 21.80
CA SER A 591 22.28 -0.38 21.19
C SER A 591 21.16 -0.38 22.22
N LEU A 592 21.11 -1.40 23.08
CA LEU A 592 20.11 -1.42 24.14
C LEU A 592 20.27 -0.25 25.08
N LEU A 593 21.51 0.10 25.42
CA LEU A 593 21.76 1.25 26.29
C LEU A 593 21.30 2.54 25.63
N ASN A 594 21.58 2.70 24.34
CA ASN A 594 21.16 3.90 23.62
C ASN A 594 19.64 4.02 23.54
N GLU A 595 18.94 2.88 23.39
CA GLU A 595 17.49 2.91 23.28
C GLU A 595 16.83 3.52 24.51
N ILE A 596 17.45 3.40 25.67
CA ILE A 596 16.88 4.00 26.88
C ILE A 596 17.52 5.35 27.19
N GLU A 597 18.78 5.55 26.82
CA GLU A 597 19.41 6.85 27.02
C GLU A 597 18.70 7.93 26.20
N SER A 598 18.30 7.61 24.97
CA SER A 598 17.59 8.59 24.14
C SER A 598 16.26 8.98 24.77
N VAL A 599 15.52 8.01 25.30
CA VAL A 599 14.25 8.33 25.96
C VAL A 599 14.49 9.18 27.21
N TYR A 600 15.53 8.85 27.98
CA TYR A 600 15.87 9.65 29.14
C TYR A 600 16.17 11.09 28.74
N ASP A 601 16.93 11.27 27.65
CA ASP A 601 17.24 12.61 27.18
C ASP A 601 16.00 13.36 26.72
N GLU A 602 15.09 12.68 26.03
CA GLU A 602 13.85 13.32 25.62
C GLU A 602 13.04 13.79 26.83
N HIS A 603 12.92 12.95 27.84
CA HIS A 603 12.19 13.33 29.04
C HIS A 603 12.88 14.47 29.78
N GLN A 604 14.22 14.47 29.79
CA GLN A 604 14.96 15.56 30.42
C GLN A 604 14.73 16.87 29.70
N GLU A 605 14.71 16.85 28.36
CA GLU A 605 14.42 18.06 27.60
C GLU A 605 13.00 18.55 27.86
N GLN A 606 12.05 17.61 27.95
CA GLN A 606 10.67 17.99 28.27
C GLN A 606 10.59 18.65 29.64
N HIS A 607 11.29 18.09 30.63
CA HIS A 607 11.33 18.71 31.96
C HIS A 607 11.97 20.09 31.90
N SER A 608 13.02 20.25 31.08
CA SER A 608 13.65 21.55 30.94
C SER A 608 12.68 22.58 30.37
N GLU A 609 11.93 22.20 29.34
CA GLU A 609 10.92 23.08 28.78
C GLU A 609 9.70 23.24 29.68
N GLY A 610 9.59 22.42 30.73
CA GLY A 610 8.53 22.57 31.69
C GLY A 610 7.16 22.12 31.22
N ARG A 611 7.09 21.26 30.21
CA ARG A 611 5.81 20.81 29.69
C ARG A 611 5.10 19.94 30.72
N SER A 612 3.77 19.86 30.58
CA SER A 612 2.91 19.20 31.56
C SER A 612 3.06 17.69 31.42
N ALA A 613 4.11 17.15 32.04
CA ALA A 613 4.35 15.71 32.07
C ALA A 613 4.75 15.31 33.48
N PRO A 614 4.05 14.34 34.08
CA PRO A 614 4.37 13.93 35.46
C PRO A 614 5.76 13.30 35.53
N SER A 615 6.44 13.55 36.65
CA SER A 615 7.78 13.01 36.87
C SER A 615 7.74 11.68 37.62
N SER A 616 6.94 10.74 37.15
CA SER A 616 6.94 9.39 37.70
C SER A 616 6.74 8.31 36.65
N GLU A 617 6.64 8.65 35.38
CA GLU A 617 6.35 7.65 34.37
C GLU A 617 7.62 6.87 34.02
N PRO A 618 7.50 5.58 33.71
CA PRO A 618 8.67 4.81 33.28
C PRO A 618 9.05 5.11 31.85
N HIS A 619 10.34 4.95 31.57
CA HIS A 619 10.87 5.26 30.23
C HIS A 619 10.50 4.17 29.22
N LEU A 620 10.53 2.90 29.63
CA LEU A 620 10.23 1.79 28.74
C LEU A 620 9.26 0.84 29.42
N ILE A 621 8.37 0.24 28.63
CA ILE A 621 7.34 -0.67 29.15
C ILE A 621 7.26 -1.89 28.23
N PHE A 622 7.25 -3.08 28.84
CA PHE A 622 7.12 -4.33 28.09
C PHE A 622 6.15 -5.24 28.83
N VAL A 623 5.56 -6.18 28.10
CA VAL A 623 4.51 -7.06 28.62
C VAL A 623 4.92 -8.51 28.42
N TYR A 624 4.81 -9.31 29.48
CA TYR A 624 4.86 -10.76 29.42
C TYR A 624 3.43 -11.27 29.57
N GLU A 625 2.98 -12.09 28.63
CA GLU A 625 1.57 -12.50 28.59
C GLU A 625 1.35 -13.98 28.86
N ASP A 626 2.39 -14.72 29.26
CA ASP A 626 2.20 -16.14 29.52
C ASP A 626 3.35 -16.66 30.37
N ARG A 627 3.02 -17.48 31.36
CA ARG A 627 4.04 -18.15 32.15
C ARG A 627 4.63 -19.35 31.42
N GLN A 628 3.81 -20.03 30.60
CA GLN A 628 4.31 -21.17 29.86
C GLN A 628 5.45 -20.76 28.94
N ILE A 629 5.32 -19.59 28.30
CA ILE A 629 6.41 -19.05 27.51
C ILE A 629 7.64 -18.82 28.39
N LEU A 630 7.41 -18.43 29.64
CA LEU A 630 8.53 -18.19 30.55
C LEU A 630 9.31 -19.47 30.82
N GLU A 631 8.62 -20.55 31.18
CA GLU A 631 9.37 -21.78 31.44
C GLU A 631 9.93 -22.37 30.15
N ASP A 632 9.28 -22.14 29.01
CA ASP A 632 9.85 -22.58 27.74
C ASP A 632 11.17 -21.87 27.46
N ALA A 633 11.21 -20.55 27.66
CA ALA A 633 12.44 -19.80 27.44
C ALA A 633 13.52 -20.22 28.44
N ALA A 634 13.13 -20.41 29.70
CA ALA A 634 14.10 -20.86 30.69
C ALA A 634 14.66 -22.23 30.34
N ALA A 635 13.81 -23.13 29.85
CA ALA A 635 14.26 -24.45 29.42
C ALA A 635 15.23 -24.35 28.25
N LEU A 636 14.94 -23.46 27.29
CA LEU A 636 15.84 -23.28 26.16
C LEU A 636 17.21 -22.78 26.61
N ILE A 637 17.21 -21.75 27.48
CA ILE A 637 18.48 -21.19 27.93
C ILE A 637 19.26 -22.20 28.76
N SER A 638 18.58 -22.95 29.63
CA SER A 638 19.24 -24.00 30.40
C SER A 638 19.80 -25.07 29.49
N TYR A 639 19.05 -25.44 28.45
CA TYR A 639 19.51 -26.44 27.49
C TYR A 639 20.80 -25.99 26.82
N TYR A 640 20.86 -24.72 26.40
CA TYR A 640 22.09 -24.23 25.79
C TYR A 640 23.23 -24.17 26.80
N VAL A 641 22.95 -23.73 28.03
CA VAL A 641 24.03 -23.49 28.98
C VAL A 641 24.59 -24.80 29.54
N LYS A 642 23.77 -25.85 29.60
CA LYS A 642 24.24 -27.12 30.12
C LYS A 642 25.27 -27.79 29.22
N ARG A 643 25.31 -27.41 27.94
CA ARG A 643 26.26 -27.96 26.99
C ARG A 643 27.44 -27.02 26.76
N GLN A 644 27.78 -26.20 27.75
CA GLN A 644 28.88 -25.25 27.60
C GLN A 644 30.18 -25.83 28.15
N PRO A 645 31.29 -25.75 27.42
CA PRO A 645 32.56 -26.28 27.94
C PRO A 645 33.25 -25.33 28.91
N ALA A 646 33.05 -24.02 28.78
CA ALA A 646 33.77 -23.04 29.59
C ALA A 646 33.03 -22.66 30.87
N ILE A 647 31.87 -23.26 31.14
CA ILE A 647 31.08 -22.96 32.33
C ILE A 647 31.15 -24.17 33.25
N GLN A 648 31.62 -23.95 34.47
CA GLN A 648 31.91 -25.05 35.39
C GLN A 648 30.64 -25.48 36.12
N LYS A 649 30.69 -26.70 36.67
CA LYS A 649 29.51 -27.30 37.29
C LYS A 649 28.94 -26.41 38.39
N GLU A 650 29.80 -25.79 39.19
CA GLU A 650 29.34 -24.84 40.20
C GLU A 650 28.62 -23.67 39.54
N ASP A 651 29.18 -23.16 38.43
CA ASP A 651 28.53 -22.07 37.71
C ASP A 651 27.25 -22.54 37.04
N GLN A 652 27.21 -23.79 36.56
CA GLN A 652 25.97 -24.32 36.02
C GLN A 652 24.87 -24.35 37.08
N GLY A 653 25.20 -24.80 38.29
CA GLY A 653 24.23 -24.78 39.36
C GLY A 653 23.81 -23.37 39.72
N THR A 654 24.76 -22.44 39.77
CA THR A 654 24.45 -21.05 40.08
C THR A 654 23.49 -20.46 39.06
N ILE A 655 23.75 -20.71 37.76
CA ILE A 655 22.88 -20.20 36.72
C ILE A 655 21.51 -20.86 36.81
N HIS A 656 21.46 -22.14 37.20
CA HIS A 656 20.17 -22.79 37.39
C HIS A 656 19.36 -22.10 38.48
N GLN A 657 20.01 -21.78 39.60
CA GLN A 657 19.30 -21.07 40.67
C GLN A 657 18.86 -19.69 40.21
N LEU A 658 19.71 -18.99 39.45
CA LEU A 658 19.35 -17.67 38.95
C LEU A 658 18.16 -17.74 38.01
N LEU A 659 18.10 -18.74 37.15
CA LEU A 659 17.14 -18.76 36.05
C LEU A 659 15.80 -19.36 36.48
N HIS A 660 15.83 -20.48 37.19
CA HIS A 660 14.60 -21.18 37.54
C HIS A 660 14.05 -20.83 38.91
N GLN A 661 14.83 -20.14 39.74
CA GLN A 661 14.35 -19.76 41.07
C GLN A 661 14.22 -18.25 41.24
N PHE A 662 15.31 -17.50 41.01
CA PHE A 662 15.28 -16.07 41.31
C PHE A 662 14.39 -15.30 40.33
N VAL A 663 14.55 -15.55 39.03
CA VAL A 663 13.77 -14.82 38.03
C VAL A 663 12.27 -15.07 38.17
N PRO A 664 11.79 -16.31 38.32
CA PRO A 664 10.35 -16.49 38.58
C PRO A 664 9.90 -15.80 39.85
N SER A 665 10.75 -15.73 40.88
CA SER A 665 10.40 -15.00 42.08
C SER A 665 10.25 -13.51 41.80
N LEU A 666 11.09 -12.96 40.93
CA LEU A 666 10.97 -11.56 40.55
C LEU A 666 9.66 -11.30 39.82
N PHE A 667 9.27 -12.22 38.92
CA PHE A 667 7.99 -12.14 38.24
C PHE A 667 6.84 -12.68 39.07
N PHE A 668 7.13 -13.08 40.32
CA PHE A 668 6.12 -13.61 41.24
C PHE A 668 5.45 -14.87 40.72
N SER A 669 6.23 -15.79 40.15
CA SER A 669 5.73 -17.11 39.80
C SER A 669 5.83 -18.09 40.96
N GLN A 670 6.50 -17.74 42.04
CA GLN A 670 6.62 -18.60 43.21
C GLN A 670 5.98 -17.96 44.44
N ASP A 737 -5.44 -8.49 42.50
CA ASP A 737 -4.31 -8.04 41.70
C ASP A 737 -3.63 -6.84 42.35
N ASP A 738 -3.05 -5.97 41.51
CA ASP A 738 -2.35 -4.76 41.96
C ASP A 738 -1.25 -5.12 42.97
N VAL A 739 -0.37 -6.04 42.57
CA VAL A 739 0.76 -6.47 43.39
C VAL A 739 2.02 -6.24 42.57
N TYR A 740 2.93 -5.42 43.09
CA TYR A 740 4.11 -5.01 42.34
C TYR A 740 5.38 -5.50 43.02
N SER A 741 6.46 -5.51 42.23
CA SER A 741 7.80 -5.79 42.73
C SER A 741 8.76 -4.73 42.21
N LEU A 742 9.68 -4.30 43.07
CA LEU A 742 10.65 -3.26 42.77
C LEU A 742 12.04 -3.89 42.72
N PHE A 743 12.84 -3.50 41.74
CA PHE A 743 14.17 -4.03 41.57
C PHE A 743 15.11 -2.93 41.07
N PHE A 744 16.28 -2.84 41.68
CA PHE A 744 17.29 -1.85 41.29
C PHE A 744 18.46 -2.60 40.68
N ALA A 745 18.78 -2.27 39.43
CA ALA A 745 19.70 -3.08 38.64
C ALA A 745 20.75 -2.19 37.97
N ASN A 746 21.88 -2.80 37.65
CA ASN A 746 22.94 -2.15 36.91
C ASN A 746 22.78 -2.46 35.42
N ASN A 747 23.83 -2.19 34.63
CA ASN A 747 23.75 -2.36 33.18
C ASN A 747 23.51 -3.81 32.79
N ASN A 748 24.21 -4.75 33.42
CA ASN A 748 24.15 -6.15 32.98
C ASN A 748 22.76 -6.74 33.20
N TRP A 749 22.14 -6.46 34.35
CA TRP A 749 20.81 -6.97 34.59
C TRP A 749 19.80 -6.34 33.63
N TYR A 750 19.99 -5.07 33.29
CA TYR A 750 19.13 -4.45 32.28
C TYR A 750 19.26 -5.13 30.93
N PHE A 751 20.50 -5.43 30.52
CA PHE A 751 20.72 -6.13 29.26
C PHE A 751 20.05 -7.50 29.28
N PHE A 752 20.23 -8.24 30.38
CA PHE A 752 19.65 -9.57 30.48
C PHE A 752 18.13 -9.52 30.42
N LEU A 753 17.53 -8.56 31.13
CA LEU A 753 16.07 -8.44 31.11
C LEU A 753 15.56 -8.07 29.72
N ARG A 754 16.27 -7.19 29.02
CA ARG A 754 15.88 -6.85 27.65
C ARG A 754 15.92 -8.07 26.75
N LEU A 755 17.02 -8.84 26.80
CA LEU A 755 17.15 -10.01 25.94
C LEU A 755 16.12 -11.07 26.27
N HIS A 756 15.87 -11.30 27.56
CA HIS A 756 14.88 -12.28 27.98
C HIS A 756 13.48 -11.88 27.53
N GLN A 757 13.14 -10.59 27.64
CA GLN A 757 11.85 -10.12 27.15
C GLN A 757 11.73 -10.30 25.65
N THR A 758 12.79 -10.00 24.90
CA THR A 758 12.76 -10.20 23.46
C THR A 758 12.48 -11.66 23.11
N LEU A 759 13.20 -12.58 23.75
CA LEU A 759 13.01 -14.00 23.47
C LEU A 759 11.60 -14.46 23.83
N CYS A 760 11.09 -14.03 24.98
CA CYS A 760 9.75 -14.44 25.39
C CYS A 760 8.70 -13.90 24.43
N SER A 761 8.84 -12.65 23.99
CA SER A 761 7.89 -12.08 23.04
C SER A 761 7.90 -12.83 21.72
N ARG A 762 9.08 -13.22 21.24
CA ARG A 762 9.14 -13.96 19.98
C ARG A 762 8.54 -15.35 20.11
N LEU A 763 8.81 -16.04 21.23
CA LEU A 763 8.19 -17.34 21.45
C LEU A 763 6.67 -17.23 21.49
N LEU A 764 6.16 -16.19 22.17
CA LEU A 764 4.72 -15.98 22.21
C LEU A 764 4.16 -15.69 20.81
N LYS A 765 4.90 -14.93 20.01
CA LYS A 765 4.43 -14.64 18.65
C LYS A 765 4.31 -15.91 17.82
N ILE A 766 5.32 -16.78 17.90
CA ILE A 766 5.27 -18.03 17.16
C ILE A 766 4.12 -18.91 17.65
N TYR A 767 3.93 -18.97 18.98
CA TYR A 767 2.84 -19.77 19.54
C TYR A 767 1.48 -19.27 19.07
N ARG A 768 1.28 -17.94 19.09
CA ARG A 768 0.01 -17.38 18.64
C ARG A 768 -0.21 -17.65 17.15
N GLN A 769 0.86 -17.58 16.36
CA GLN A 769 0.72 -17.87 14.93
C GLN A 769 0.30 -19.32 14.71
N ALA A 770 0.88 -20.25 15.46
CA ALA A 770 0.50 -21.65 15.32
C ALA A 770 -0.96 -21.87 15.71
N GLN A 771 -1.41 -21.25 16.80
CA GLN A 771 -2.81 -21.36 17.19
C GLN A 771 -3.73 -20.80 16.12
N LYS A 772 -3.37 -19.65 15.55
CA LYS A 772 -4.20 -19.06 14.50
C LYS A 772 -4.25 -19.95 13.27
N GLN A 773 -3.12 -20.55 12.89
CA GLN A 773 -3.11 -21.44 11.74
C GLN A 773 -4.03 -22.64 11.96
N LEU A 774 -3.97 -23.24 13.15
CA LEU A 774 -4.83 -24.38 13.43
C LEU A 774 -6.31 -23.98 13.38
N LEU A 775 -6.64 -22.85 13.99
CA LEU A 775 -8.03 -22.40 13.99
C LEU A 775 -8.53 -22.13 12.58
N GLU A 776 -7.71 -21.45 11.77
CA GLU A 776 -8.11 -21.13 10.40
C GLU A 776 -8.29 -22.39 9.57
N TYR A 777 -7.40 -23.38 9.75
CA TYR A 777 -7.56 -24.64 9.02
C TYR A 777 -8.86 -25.33 9.39
N ARG A 778 -9.17 -25.40 10.69
CA ARG A 778 -10.39 -26.08 11.10
C ARG A 778 -11.63 -25.36 10.56
N THR A 779 -11.64 -24.03 10.66
CA THR A 779 -12.77 -23.26 10.15
C THR A 779 -12.92 -23.41 8.63
N GLU A 780 -11.79 -23.41 7.90
CA GLU A 780 -11.85 -23.57 6.46
C GLU A 780 -12.37 -24.94 6.07
N LYS A 781 -11.94 -25.99 6.79
CA LYS A 781 -12.47 -27.32 6.53
C LYS A 781 -13.97 -27.36 6.75
N GLU A 782 -14.43 -26.80 7.88
CA GLU A 782 -15.87 -26.80 8.17
C GLU A 782 -16.65 -26.03 7.11
N ARG A 783 -16.10 -24.91 6.65
CA ARG A 783 -16.80 -24.11 5.65
C ARG A 783 -16.85 -24.82 4.30
N GLU A 784 -15.70 -25.33 3.83
CA GLU A 784 -15.64 -25.94 2.52
C GLU A 784 -16.37 -27.28 2.47
N LYS A 785 -16.58 -27.92 3.62
CA LYS A 785 -17.39 -29.17 3.61
C LYS A 785 -18.81 -28.82 3.17
N LEU A 786 -19.35 -27.72 3.68
CA LEU A 786 -20.75 -27.34 3.38
C LEU A 786 -20.76 -26.35 2.23
N LEU A 787 -20.62 -26.85 0.99
CA LEU A 787 -20.57 -25.96 -0.20
C LEU A 787 -21.26 -26.61 -1.39
N CYS A 788 -22.36 -26.02 -1.87
CA CYS A 788 -23.02 -26.55 -3.10
C CYS A 788 -22.36 -25.88 -4.31
N GLU A 789 -21.52 -24.87 -4.07
CA GLU A 789 -20.77 -24.18 -5.16
C GLU A 789 -21.73 -23.53 -6.17
N GLY A 790 -21.60 -23.86 -7.45
CA GLY A 790 -22.43 -23.24 -8.50
C GLY A 790 -23.89 -23.63 -8.41
N ARG A 791 -24.28 -24.50 -7.46
CA ARG A 791 -25.70 -24.79 -7.34
C ARG A 791 -26.48 -23.66 -6.66
N ARG A 792 -25.79 -22.64 -6.15
CA ARG A 792 -26.45 -21.55 -5.43
C ARG A 792 -26.84 -20.46 -6.44
N GLU A 793 -27.76 -20.82 -7.34
CA GLU A 793 -28.23 -19.89 -8.35
C GLU A 793 -29.64 -19.40 -8.00
N LEU A 802 -0.46 -31.62 -10.89
CA LEU A 802 -1.55 -31.95 -9.98
C LEU A 802 -1.64 -30.90 -8.87
N ARG A 803 -1.48 -31.34 -7.62
CA ARG A 803 -1.63 -30.46 -6.47
C ARG A 803 -0.71 -30.95 -5.36
N LEU A 804 -0.93 -30.44 -4.15
CA LEU A 804 -0.18 -30.84 -2.96
C LEU A 804 -1.15 -31.15 -1.83
N LYS A 805 -0.73 -32.06 -0.95
CA LYS A 805 -1.57 -32.51 0.16
C LYS A 805 -1.26 -31.68 1.40
N GLN A 806 -2.26 -30.91 1.84
CA GLN A 806 -2.08 -30.07 3.02
C GLN A 806 -1.90 -30.94 4.26
N PRO A 807 -1.21 -30.44 5.29
CA PRO A 807 -0.97 -31.26 6.48
C PRO A 807 -2.23 -31.54 7.25
N SER A 808 -2.22 -32.65 7.99
CA SER A 808 -3.33 -33.00 8.85
C SER A 808 -3.37 -32.06 10.06
N GLU A 809 -4.48 -32.14 10.81
CA GLU A 809 -4.63 -31.29 11.99
C GLU A 809 -3.58 -31.62 13.05
N VAL A 810 -3.19 -32.89 13.15
CA VAL A 810 -2.23 -33.31 14.18
C VAL A 810 -0.89 -32.61 14.00
N GLU A 811 -0.40 -32.56 12.75
CA GLU A 811 0.83 -31.83 12.47
C GLU A 811 0.66 -30.35 12.80
N LEU A 812 -0.52 -29.80 12.55
CA LEU A 812 -0.75 -28.39 12.82
C LEU A 812 -0.67 -28.10 14.31
N GLU A 813 -1.20 -28.99 15.15
CA GLU A 813 -1.10 -28.76 16.59
C GLU A 813 0.27 -29.16 17.15
N GLU A 814 1.04 -29.96 16.42
CA GLU A 814 2.37 -30.33 16.86
C GLU A 814 3.47 -29.44 16.28
N TYR A 815 3.09 -28.44 15.48
CA TYR A 815 4.05 -27.49 14.92
C TYR A 815 4.92 -26.85 16.00
N TYR A 816 4.29 -26.34 17.07
CA TYR A 816 5.05 -25.60 18.07
C TYR A 816 6.06 -26.46 18.82
N PRO A 817 5.72 -27.64 19.35
CA PRO A 817 6.77 -28.50 19.91
C PRO A 817 7.82 -28.90 18.89
N ALA A 818 7.43 -29.11 17.63
CA ALA A 818 8.41 -29.35 16.59
C ALA A 818 9.31 -28.14 16.40
N PHE A 819 8.75 -26.94 16.53
CA PHE A 819 9.56 -25.73 16.45
C PHE A 819 10.57 -25.65 17.58
N LEU A 820 10.16 -26.01 18.80
CA LEU A 820 11.09 -26.02 19.93
C LEU A 820 12.19 -27.05 19.73
N ASP A 821 11.83 -28.24 19.24
CA ASP A 821 12.84 -29.25 18.94
C ASP A 821 13.81 -28.75 17.87
N MET A 822 13.30 -28.02 16.87
CA MET A 822 14.14 -27.46 15.82
C MET A 822 15.11 -26.43 16.40
N VAL A 823 14.64 -25.60 17.33
CA VAL A 823 15.52 -24.62 17.97
C VAL A 823 16.60 -25.33 18.76
N ARG A 824 16.24 -26.38 19.49
CA ARG A 824 17.24 -27.15 20.23
C ARG A 824 18.28 -27.77 19.29
N SER A 825 17.81 -28.32 18.17
CA SER A 825 18.73 -28.91 17.19
C SER A 825 19.67 -27.86 16.61
N LEU A 826 19.16 -26.67 16.31
CA LEU A 826 20.02 -25.60 15.80
C LEU A 826 21.05 -25.19 16.84
N LEU A 827 20.63 -25.09 18.10
CA LEU A 827 21.57 -24.70 19.16
C LEU A 827 22.67 -25.74 19.32
N GLU A 828 22.33 -27.03 19.25
CA GLU A 828 23.35 -28.06 19.32
C GLU A 828 24.29 -28.05 18.13
N GLY A 829 23.84 -27.50 17.00
CA GLY A 829 24.64 -27.53 15.77
C GLY A 829 24.42 -28.74 14.90
N SER A 830 23.40 -29.54 15.16
CA SER A 830 23.14 -30.73 14.37
C SER A 830 22.41 -30.45 13.07
N ILE A 831 21.79 -29.28 12.93
CA ILE A 831 21.01 -28.94 11.74
C ILE A 831 21.61 -27.68 11.13
N ASP A 832 21.69 -27.65 9.79
CA ASP A 832 22.26 -26.51 9.10
C ASP A 832 21.31 -25.32 9.20
N PRO A 833 21.85 -24.10 9.26
CA PRO A 833 20.97 -22.91 9.26
C PRO A 833 20.07 -22.82 8.05
N THR A 834 20.52 -23.29 6.88
CA THR A 834 19.70 -23.20 5.68
C THR A 834 18.49 -24.11 5.77
N GLN A 835 18.69 -25.36 6.16
CA GLN A 835 17.56 -26.29 6.31
C GLN A 835 16.63 -25.84 7.42
N TYR A 836 17.20 -25.32 8.51
CA TYR A 836 16.38 -24.78 9.60
C TYR A 836 15.49 -23.65 9.11
N GLU A 837 16.07 -22.72 8.35
CA GLU A 837 15.30 -21.59 7.83
C GLU A 837 14.23 -22.05 6.86
N ASP A 838 14.56 -23.00 5.99
CA ASP A 838 13.58 -23.48 5.01
C ASP A 838 12.41 -24.17 5.70
N THR A 839 12.70 -25.01 6.69
CA THR A 839 11.62 -25.68 7.42
C THR A 839 10.77 -24.67 8.17
N LEU A 840 11.40 -23.66 8.79
CA LEU A 840 10.62 -22.64 9.48
C LEU A 840 9.72 -21.90 8.50
N ARG A 841 10.24 -21.55 7.32
CA ARG A 841 9.44 -20.82 6.34
C ARG A 841 8.28 -21.66 5.83
N GLU A 842 8.51 -22.95 5.60
CA GLU A 842 7.41 -23.79 5.15
C GLU A 842 6.41 -24.09 6.26
N MET A 843 6.82 -23.96 7.52
CA MET A 843 5.92 -24.21 8.65
C MET A 843 5.07 -23.00 9.00
N PHE A 844 5.64 -21.78 8.97
CA PHE A 844 4.97 -20.61 9.48
C PHE A 844 4.81 -19.49 8.44
N THR A 845 5.11 -19.76 7.18
CA THR A 845 4.92 -18.84 6.04
C THR A 845 5.62 -17.52 6.35
N ILE A 846 4.91 -16.39 6.43
CA ILE A 846 5.55 -15.08 6.49
C ILE A 846 5.90 -14.64 7.91
N HIS A 847 5.51 -15.38 8.93
CA HIS A 847 5.88 -15.08 10.31
C HIS A 847 7.07 -15.91 10.79
N ALA A 848 7.76 -16.61 9.89
CA ALA A 848 8.84 -17.48 10.30
C ALA A 848 10.11 -16.72 10.65
N TYR A 849 10.32 -15.55 10.03
CA TYR A 849 11.56 -14.81 10.24
C TYR A 849 11.77 -14.45 11.70
N VAL A 850 10.70 -14.41 12.49
CA VAL A 850 10.78 -14.10 13.91
C VAL A 850 11.75 -15.06 14.61
N GLY A 851 11.81 -16.29 14.14
CA GLY A 851 12.72 -17.27 14.72
C GLY A 851 14.01 -17.51 13.97
N PHE A 852 14.38 -16.62 13.03
CA PHE A 852 15.55 -16.90 12.19
C PHE A 852 16.85 -16.79 12.96
N THR A 853 16.95 -15.85 13.90
CA THR A 853 18.17 -15.59 14.65
C THR A 853 18.01 -15.90 16.14
N MET A 854 17.34 -17.00 16.47
CA MET A 854 17.06 -17.30 17.87
C MET A 854 18.32 -17.78 18.59
N ASP A 855 19.09 -18.67 17.95
CA ASP A 855 20.24 -19.26 18.62
C ASP A 855 21.20 -18.20 19.10
N LYS A 856 21.58 -17.26 18.22
CA LYS A 856 22.44 -16.16 18.64
C LYS A 856 21.85 -15.44 19.84
N LEU A 857 20.55 -15.14 19.79
CA LEU A 857 19.89 -14.51 20.92
C LEU A 857 20.14 -15.31 22.19
N VAL A 858 19.88 -16.62 22.13
CA VAL A 858 20.10 -17.47 23.30
C VAL A 858 21.55 -17.35 23.73
N GLN A 859 22.47 -17.44 22.77
CA GLN A 859 23.89 -17.31 23.08
C GLN A 859 24.14 -16.01 23.85
N ASN A 860 23.61 -14.90 23.33
CA ASN A 860 23.78 -13.62 24.00
C ASN A 860 23.33 -13.72 25.45
N ILE A 861 22.12 -14.25 25.67
CA ILE A 861 21.58 -14.34 27.02
C ILE A 861 22.54 -15.13 27.90
N ALA A 862 23.05 -16.25 27.38
CA ALA A 862 23.96 -17.08 28.15
C ALA A 862 25.12 -16.25 28.68
N ARG A 863 25.74 -15.46 27.81
CA ARG A 863 26.88 -14.67 28.23
C ARG A 863 26.52 -13.78 29.41
N GLN A 864 25.38 -13.08 29.30
CA GLN A 864 24.95 -12.23 30.40
C GLN A 864 24.90 -13.03 31.70
N LEU A 865 24.23 -14.19 31.65
CA LEU A 865 24.12 -15.01 32.85
C LEU A 865 25.49 -15.32 33.42
N HIS A 866 26.43 -15.73 32.57
CA HIS A 866 27.76 -16.06 33.06
C HIS A 866 28.38 -14.86 33.76
N HIS A 867 28.32 -13.68 33.12
CA HIS A 867 28.89 -12.51 33.75
C HIS A 867 28.15 -12.16 35.03
N LEU A 868 26.84 -12.42 35.06
CA LEU A 868 26.03 -12.17 36.24
C LEU A 868 26.50 -12.98 37.44
N VAL A 869 27.41 -13.93 37.25
CA VAL A 869 28.01 -14.65 38.37
C VAL A 869 29.41 -14.14 38.69
N SER A 870 30.17 -13.66 37.71
CA SER A 870 31.58 -13.36 37.90
C SER A 870 31.82 -11.95 38.43
N ASP A 871 30.84 -11.06 38.38
CA ASP A 871 31.03 -9.67 38.78
C ASP A 871 30.40 -9.46 40.15
N ASP A 872 31.22 -9.03 41.11
CA ASP A 872 30.75 -8.88 42.48
C ASP A 872 29.61 -7.87 42.59
N VAL A 873 29.55 -6.91 41.66
CA VAL A 873 28.48 -5.92 41.68
C VAL A 873 27.13 -6.58 41.52
N CYS A 874 27.03 -7.56 40.62
CA CYS A 874 25.74 -8.21 40.34
C CYS A 874 25.26 -9.04 41.53
N LEU A 875 26.16 -9.85 42.11
CA LEU A 875 25.76 -10.63 43.29
C LEU A 875 25.45 -9.72 44.47
N LYS A 876 26.18 -8.62 44.63
CA LYS A 876 25.83 -7.68 45.68
C LYS A 876 24.45 -7.07 45.41
N VAL A 877 24.11 -6.82 44.15
CA VAL A 877 22.81 -6.27 43.82
C VAL A 877 21.71 -7.24 44.20
N VAL A 878 21.85 -8.52 43.84
CA VAL A 878 20.79 -9.49 44.14
C VAL A 878 20.70 -9.72 45.64
N GLU A 879 21.85 -9.74 46.33
CA GLU A 879 21.83 -9.89 47.78
C GLU A 879 21.17 -8.69 48.46
N LEU A 880 21.42 -7.47 47.97
CA LEU A 880 20.75 -6.30 48.53
C LEU A 880 19.26 -6.36 48.29
N TYR A 881 18.85 -6.80 47.11
CA TYR A 881 17.42 -6.96 46.86
C TYR A 881 16.80 -7.97 47.83
N LEU A 882 17.47 -9.11 48.03
CA LEU A 882 16.92 -10.12 48.94
C LEU A 882 16.86 -9.60 50.36
N ASN A 883 17.91 -8.92 50.82
CA ASN A 883 17.93 -8.40 52.19
C ASN A 883 16.85 -7.36 52.40
N GLU A 884 16.64 -6.48 51.42
CA GLU A 884 15.60 -5.47 51.56
C GLU A 884 14.21 -6.07 51.46
N LYS A 885 14.02 -7.09 50.62
CA LYS A 885 12.73 -7.77 50.53
C LYS A 885 12.42 -8.54 51.82
N LYS A 886 13.45 -9.04 52.50
CA LYS A 886 13.22 -9.65 53.82
C LYS A 886 12.53 -8.68 54.77
N ARG A 887 12.81 -7.39 54.61
CA ARG A 887 12.08 -6.35 55.33
C ARG A 887 10.77 -5.98 54.64
N GLY A 888 10.58 -6.41 53.40
CA GLY A 888 9.35 -6.14 52.67
C GLY A 888 9.27 -4.78 52.01
N ALA A 889 10.33 -3.98 52.08
CA ALA A 889 10.27 -2.64 51.48
C ALA A 889 10.34 -2.70 49.96
N ALA A 890 11.21 -3.57 49.43
CA ALA A 890 11.35 -3.72 47.99
C ALA A 890 10.20 -4.58 47.46
N GLY A 891 9.26 -3.97 46.76
CA GLY A 891 8.10 -4.67 46.26
C GLY A 891 7.09 -4.99 47.35
N GLY A 892 5.84 -5.07 46.95
CA GLY A 892 4.75 -5.35 47.87
C GLY A 892 3.43 -4.96 47.24
N ASN A 893 2.41 -4.91 48.10
CA ASN A 893 1.07 -4.56 47.65
C ASN A 893 1.02 -3.10 47.21
N LEU A 894 0.12 -2.83 46.26
CA LEU A 894 0.03 -1.48 45.69
C LEU A 894 -0.42 -0.46 46.72
N SER A 895 -1.41 -0.82 47.55
CA SER A 895 -1.94 0.14 48.52
C SER A 895 -0.89 0.49 49.58
N SER A 896 -0.12 -0.50 50.05
CA SER A 896 0.86 -0.27 51.09
C SER A 896 2.05 0.55 50.64
N ARG A 897 2.05 1.02 49.39
CA ARG A 897 3.17 1.80 48.88
C ARG A 897 3.44 3.02 49.76
N CYS A 898 2.42 3.83 50.01
CA CYS A 898 2.58 4.99 50.87
C CYS A 898 2.92 4.60 52.30
N VAL A 899 2.61 3.37 52.70
CA VAL A 899 3.03 2.89 54.01
C VAL A 899 4.54 2.67 54.04
N ARG A 900 5.10 2.13 52.95
CA ARG A 900 6.50 1.76 52.90
C ARG A 900 7.34 2.69 52.03
N ALA A 901 6.74 3.74 51.46
CA ALA A 901 7.42 4.55 50.45
C ALA A 901 8.78 5.04 50.95
N ALA A 902 8.80 5.61 52.16
CA ALA A 902 10.07 6.11 52.71
C ALA A 902 11.10 5.00 52.75
N ARG A 903 10.71 3.82 53.22
CA ARG A 903 11.60 2.67 53.22
C ARG A 903 12.11 2.38 51.81
N GLU A 904 11.21 2.39 50.82
CA GLU A 904 11.65 2.20 49.43
C GLU A 904 12.72 3.23 49.08
N THR A 905 12.51 4.47 49.50
CA THR A 905 13.51 5.51 49.23
C THR A 905 14.87 5.08 49.74
N SER A 906 14.93 4.56 50.97
CA SER A 906 16.18 4.07 51.52
C SER A 906 16.85 3.09 50.56
N TYR A 907 16.06 2.12 50.06
CA TYR A 907 16.61 1.16 49.10
C TYR A 907 17.26 1.87 47.93
N GLN A 908 16.55 2.82 47.32
CA GLN A 908 17.13 3.55 46.19
C GLN A 908 18.42 4.24 46.61
N TRP A 909 18.40 4.85 47.81
CA TRP A 909 19.61 5.45 48.34
C TRP A 909 20.77 4.46 48.34
N LYS A 910 20.54 3.26 48.88
CA LYS A 910 21.60 2.26 48.89
C LYS A 910 22.06 1.94 47.47
N ALA A 911 21.12 1.84 46.53
CA ALA A 911 21.51 1.61 45.14
C ALA A 911 22.46 2.69 44.67
N GLU A 912 22.15 3.95 44.97
CA GLU A 912 23.02 5.05 44.56
C GLU A 912 24.41 4.91 45.16
N ARG A 913 24.53 4.37 46.36
CA ARG A 913 25.83 4.22 46.98
C ARG A 913 26.50 2.89 46.67
N CYS A 914 25.87 2.05 45.83
CA CYS A 914 26.51 0.82 45.39
C CYS A 914 26.94 0.86 43.94
N MET A 915 26.34 1.73 43.14
CA MET A 915 26.66 1.88 41.72
C MET A 915 26.81 3.36 41.39
N ALA A 916 27.55 4.10 42.22
CA ALA A 916 27.68 5.54 42.04
C ALA A 916 28.48 5.90 40.80
N ASP A 917 29.17 4.94 40.19
CA ASP A 917 29.90 5.15 38.95
C ASP A 917 29.22 4.50 37.76
N GLU A 918 28.03 3.92 37.95
CA GLU A 918 27.36 3.12 36.93
C GLU A 918 25.90 3.52 36.85
N ASN A 919 25.29 3.26 35.69
CA ASN A 919 23.88 3.56 35.51
C ASN A 919 23.04 2.73 36.47
N CYS A 920 22.02 3.35 37.04
CA CYS A 920 21.10 2.69 37.96
C CYS A 920 19.72 2.66 37.32
N PHE A 921 19.11 1.47 37.32
CA PHE A 921 17.84 1.24 36.66
C PHE A 921 16.80 0.81 37.68
N LYS A 922 15.63 1.45 37.63
CA LYS A 922 14.49 1.08 38.45
C LYS A 922 13.53 0.26 37.60
N VAL A 923 13.25 -0.97 38.03
CA VAL A 923 12.45 -1.91 37.28
C VAL A 923 11.25 -2.31 38.15
N MET A 924 10.05 -2.12 37.61
CA MET A 924 8.81 -2.44 38.31
C MET A 924 8.10 -3.56 37.57
N PHE A 925 7.85 -4.65 38.27
CA PHE A 925 7.05 -5.76 37.74
C PHE A 925 5.66 -5.68 38.34
N LEU A 926 4.68 -5.34 37.51
CA LEU A 926 3.30 -5.18 37.94
C LEU A 926 2.45 -6.30 37.35
N GLN A 927 1.73 -7.02 38.20
CA GLN A 927 0.92 -8.15 37.79
C GLN A 927 -0.52 -7.69 37.58
N ARG A 928 -1.13 -8.14 36.48
CA ARG A 928 -2.50 -7.74 36.18
C ARG A 928 -3.12 -8.71 35.19
N LYS A 929 -4.17 -9.42 35.64
CA LYS A 929 -5.02 -10.22 34.77
C LYS A 929 -4.23 -11.29 34.03
N GLY A 930 -3.24 -11.86 34.69
CA GLY A 930 -2.41 -12.90 34.11
C GLY A 930 -1.22 -12.41 33.32
N GLN A 931 -1.04 -11.10 33.18
CA GLN A 931 0.11 -10.54 32.50
C GLN A 931 1.02 -9.85 33.50
N VAL A 932 2.27 -9.64 33.10
CA VAL A 932 3.29 -9.01 33.92
C VAL A 932 3.91 -7.87 33.12
N ILE A 933 3.74 -6.65 33.60
CA ILE A 933 4.28 -5.48 32.92
C ILE A 933 5.59 -5.10 33.58
N MET A 934 6.67 -5.12 32.81
CA MET A 934 7.99 -4.71 33.25
C MET A 934 8.22 -3.28 32.77
N THR A 935 8.33 -2.36 33.71
CA THR A 935 8.58 -0.95 33.41
C THR A 935 9.97 -0.58 33.90
N ILE A 936 10.82 -0.11 33.00
CA ILE A 936 12.19 0.26 33.31
C ILE A 936 12.34 1.76 33.16
N GLU A 937 12.98 2.39 34.15
CA GLU A 937 13.31 3.81 34.07
C GLU A 937 14.74 4.01 34.53
N LEU A 938 15.44 4.91 33.86
CA LEU A 938 16.83 5.22 34.20
C LEU A 938 16.88 6.37 35.19
N LEU A 939 17.67 6.20 36.25
CA LEU A 939 17.81 7.22 37.27
C LEU A 939 18.91 8.21 36.90
N GLY B 8 -31.17 -9.47 -1.59
CA GLY B 8 -31.56 -10.75 -2.18
C GLY B 8 -30.80 -11.08 -3.43
N LYS B 9 -31.19 -12.16 -4.10
CA LYS B 9 -30.55 -12.56 -5.35
C LYS B 9 -31.16 -11.76 -6.50
N LYS B 10 -30.30 -11.24 -7.38
CA LYS B 10 -30.73 -10.30 -8.39
C LYS B 10 -30.01 -10.59 -9.71
N LYS B 11 -30.62 -10.11 -10.80
CA LYS B 11 -30.15 -10.40 -12.14
C LYS B 11 -29.05 -9.45 -12.58
N VAL B 12 -27.92 -10.01 -13.04
CA VAL B 12 -26.77 -9.23 -13.45
C VAL B 12 -26.43 -9.56 -14.90
N CYS B 13 -25.77 -8.62 -15.56
CA CYS B 13 -25.38 -8.75 -16.95
C CYS B 13 -23.86 -8.78 -17.05
N TYR B 14 -23.36 -9.68 -17.89
CA TYR B 14 -21.92 -9.88 -18.08
C TYR B 14 -21.58 -9.62 -19.54
N TYR B 15 -20.49 -8.89 -19.78
CA TYR B 15 -20.08 -8.54 -21.13
C TYR B 15 -18.71 -9.13 -21.41
N TYR B 16 -18.62 -9.95 -22.45
CA TYR B 16 -17.36 -10.58 -22.83
C TYR B 16 -17.34 -10.77 -24.34
N ASP B 17 -16.22 -10.41 -24.95
CA ASP B 17 -15.98 -10.65 -26.37
C ASP B 17 -14.78 -11.58 -26.49
N GLY B 18 -14.95 -12.67 -27.24
CA GLY B 18 -13.91 -13.69 -27.33
C GLY B 18 -12.61 -13.22 -27.93
N ASP B 19 -12.63 -12.11 -28.67
CA ASP B 19 -11.44 -11.64 -29.37
C ASP B 19 -10.58 -10.71 -28.52
N ILE B 20 -11.03 -10.34 -27.31
CA ILE B 20 -10.31 -9.34 -26.53
C ILE B 20 -8.98 -9.89 -26.04
N GLY B 21 -8.86 -11.19 -25.83
CA GLY B 21 -7.64 -11.74 -25.30
C GLY B 21 -6.48 -11.82 -26.27
N ASN B 22 -6.73 -11.64 -27.57
CA ASN B 22 -5.70 -11.82 -28.58
C ASN B 22 -4.90 -10.56 -28.89
N TYR B 23 -5.36 -9.40 -28.43
CA TYR B 23 -4.69 -8.15 -28.77
C TYR B 23 -3.39 -8.02 -27.99
N TYR B 24 -2.30 -7.78 -28.72
CA TYR B 24 -0.96 -7.84 -28.17
C TYR B 24 -0.42 -6.43 -28.00
N TYR B 25 -0.10 -6.05 -26.77
CA TYR B 25 0.41 -4.72 -26.49
C TYR B 25 1.86 -4.55 -26.90
N GLY B 26 2.61 -5.64 -27.03
CA GLY B 26 4.03 -5.57 -27.30
C GLY B 26 4.82 -6.44 -26.36
N GLN B 27 6.08 -6.72 -26.71
CA GLN B 27 6.90 -7.60 -25.88
C GLN B 27 7.44 -6.84 -24.68
N GLY B 28 7.26 -7.41 -23.50
CA GLY B 28 7.72 -6.80 -22.27
C GLY B 28 6.84 -5.70 -21.73
N HIS B 29 5.70 -5.43 -22.36
CA HIS B 29 4.79 -4.42 -21.86
C HIS B 29 3.95 -4.99 -20.72
N PRO B 30 3.83 -4.28 -19.60
CA PRO B 30 3.07 -4.83 -18.46
C PRO B 30 1.60 -5.04 -18.76
N MET B 31 1.03 -4.34 -19.73
CA MET B 31 -0.40 -4.45 -20.00
C MET B 31 -0.67 -5.65 -20.90
N LYS B 32 -1.56 -6.54 -20.44
CA LYS B 32 -1.86 -7.78 -21.15
C LYS B 32 -3.36 -8.07 -21.11
N PRO B 33 -4.07 -7.90 -22.23
CA PRO B 33 -5.51 -8.24 -22.24
C PRO B 33 -5.79 -9.71 -21.99
N HIS B 34 -4.79 -10.58 -22.18
CA HIS B 34 -4.94 -12.01 -21.92
C HIS B 34 -5.61 -12.29 -20.58
N ARG B 35 -5.37 -11.45 -19.57
CA ARG B 35 -5.95 -11.63 -18.25
C ARG B 35 -7.46 -11.83 -18.33
N ILE B 36 -8.14 -10.99 -19.10
CA ILE B 36 -9.60 -11.09 -19.21
C ILE B 36 -9.98 -12.49 -19.63
N ARG B 37 -9.30 -13.01 -20.65
CA ARG B 37 -9.58 -14.36 -21.11
C ARG B 37 -9.50 -15.35 -19.96
N MET B 38 -8.40 -15.33 -19.20
CA MET B 38 -8.26 -16.29 -18.12
C MET B 38 -9.40 -16.10 -17.11
N THR B 39 -9.72 -14.85 -16.80
CA THR B 39 -10.83 -14.60 -15.89
C THR B 39 -12.09 -15.29 -16.39
N HIS B 40 -12.42 -15.09 -17.67
CA HIS B 40 -13.61 -15.73 -18.22
C HIS B 40 -13.51 -17.24 -18.08
N ASN B 41 -12.33 -17.80 -18.38
CA ASN B 41 -12.16 -19.24 -18.26
C ASN B 41 -12.48 -19.71 -16.86
N LEU B 42 -11.98 -18.99 -15.84
CA LEU B 42 -12.28 -19.37 -14.47
C LEU B 42 -13.78 -19.33 -14.21
N LEU B 43 -14.46 -18.28 -14.69
CA LEU B 43 -15.91 -18.22 -14.51
C LEU B 43 -16.61 -19.41 -15.15
N LEU B 44 -16.05 -19.97 -16.22
CA LEU B 44 -16.68 -21.12 -16.84
C LEU B 44 -16.46 -22.39 -16.03
N ASN B 45 -15.36 -22.48 -15.29
CA ASN B 45 -15.03 -23.72 -14.59
C ASN B 45 -15.51 -23.73 -13.14
N TYR B 46 -16.05 -22.62 -12.64
CA TYR B 46 -16.79 -22.61 -11.39
C TYR B 46 -18.28 -22.76 -11.60
N GLY B 47 -18.73 -22.91 -12.84
CA GLY B 47 -20.14 -22.98 -13.14
C GLY B 47 -20.90 -21.71 -12.86
N LEU B 48 -20.29 -20.55 -13.09
CA LEU B 48 -20.93 -19.26 -12.84
C LEU B 48 -21.65 -18.72 -14.06
N TYR B 49 -21.56 -19.40 -15.22
CA TYR B 49 -22.30 -18.96 -16.39
C TYR B 49 -23.78 -19.27 -16.31
N ARG B 50 -24.18 -20.21 -15.44
CA ARG B 50 -25.59 -20.60 -15.36
C ARG B 50 -26.42 -19.51 -14.68
N LYS B 51 -25.87 -18.87 -13.66
CA LYS B 51 -26.59 -17.85 -12.89
C LYS B 51 -26.38 -16.45 -13.43
N MET B 52 -25.69 -16.31 -14.56
CA MET B 52 -25.35 -15.02 -15.11
C MET B 52 -25.72 -14.98 -16.58
N GLU B 53 -26.01 -13.79 -17.08
CA GLU B 53 -26.36 -13.59 -18.48
C GLU B 53 -25.17 -12.98 -19.20
N ILE B 54 -24.70 -13.65 -20.25
CA ILE B 54 -23.48 -13.27 -20.96
C ILE B 54 -23.87 -12.64 -22.29
N TYR B 55 -23.34 -11.46 -22.57
CA TYR B 55 -23.60 -10.74 -23.80
C TYR B 55 -22.31 -10.53 -24.57
N ARG B 56 -22.46 -10.27 -25.87
CA ARG B 56 -21.34 -9.89 -26.71
C ARG B 56 -21.39 -8.39 -26.94
N PRO B 57 -20.43 -7.62 -26.43
CA PRO B 57 -20.51 -6.16 -26.54
C PRO B 57 -20.43 -5.71 -27.99
N HIS B 58 -21.31 -4.79 -28.37
CA HIS B 58 -21.23 -4.18 -29.69
C HIS B 58 -20.07 -3.20 -29.75
N LYS B 59 -19.41 -3.14 -30.90
CA LYS B 59 -18.33 -2.18 -31.08
C LYS B 59 -18.87 -0.76 -31.03
N ALA B 60 -18.11 0.13 -30.41
CA ALA B 60 -18.52 1.52 -30.27
C ALA B 60 -18.02 2.32 -31.47
N THR B 61 -18.94 3.01 -32.14
CA THR B 61 -18.55 3.83 -33.27
C THR B 61 -17.78 5.06 -32.80
N ALA B 62 -16.98 5.62 -33.71
CA ALA B 62 -16.20 6.81 -33.37
C ALA B 62 -17.09 7.98 -33.00
N GLU B 63 -18.32 8.01 -33.53
CA GLU B 63 -19.26 9.06 -33.14
C GLU B 63 -19.61 8.96 -31.66
N GLU B 64 -19.73 7.73 -31.15
CA GLU B 64 -19.97 7.54 -29.72
C GLU B 64 -18.78 8.01 -28.90
N MET B 65 -17.56 7.77 -29.39
CA MET B 65 -16.37 8.16 -28.63
C MET B 65 -16.17 9.67 -28.65
N THR B 66 -16.58 10.35 -29.72
CA THR B 66 -16.38 11.79 -29.80
C THR B 66 -17.31 12.58 -28.91
N LYS B 67 -18.10 11.92 -28.05
CA LYS B 67 -18.87 12.64 -27.04
C LYS B 67 -17.98 13.25 -25.98
N TYR B 68 -16.78 12.73 -25.79
CA TYR B 68 -15.79 13.27 -24.86
C TYR B 68 -14.45 13.54 -25.50
N HIS B 69 -14.01 12.70 -26.43
CA HIS B 69 -12.74 12.88 -27.10
C HIS B 69 -12.93 13.74 -28.36
N SER B 70 -11.87 14.46 -28.72
CA SER B 70 -11.90 15.27 -29.93
C SER B 70 -11.91 14.38 -31.16
N ASP B 71 -12.43 14.91 -32.26
CA ASP B 71 -12.47 14.16 -33.50
C ASP B 71 -11.08 13.93 -34.08
N GLU B 72 -10.15 14.86 -33.84
CA GLU B 72 -8.80 14.70 -34.36
C GLU B 72 -8.08 13.54 -33.70
N TYR B 73 -8.19 13.43 -32.37
CA TYR B 73 -7.54 12.34 -31.66
C TYR B 73 -8.14 11.00 -32.06
N ILE B 74 -9.46 10.94 -32.22
CA ILE B 74 -10.10 9.68 -32.62
C ILE B 74 -9.72 9.32 -34.05
N LYS B 75 -9.64 10.31 -34.93
CA LYS B 75 -9.21 10.04 -36.30
C LYS B 75 -7.79 9.51 -36.34
N PHE B 76 -6.90 10.09 -35.53
CA PHE B 76 -5.55 9.57 -35.41
C PHE B 76 -5.55 8.13 -34.90
N LEU B 77 -6.37 7.84 -33.89
CA LEU B 77 -6.42 6.48 -33.36
C LEU B 77 -6.92 5.49 -34.41
N ARG B 78 -7.91 5.91 -35.19
CA ARG B 78 -8.46 5.03 -36.22
C ARG B 78 -7.54 4.88 -37.41
N SER B 79 -6.60 5.81 -37.61
CA SER B 79 -5.75 5.80 -38.80
C SER B 79 -4.38 5.16 -38.56
N ILE B 80 -3.85 5.24 -37.35
CA ILE B 80 -2.47 4.83 -37.10
C ILE B 80 -2.36 3.31 -37.11
N ARG B 81 -1.29 2.80 -37.70
CA ARG B 81 -0.99 1.39 -37.79
C ARG B 81 0.50 1.19 -37.59
N PRO B 82 0.93 -0.02 -37.23
CA PRO B 82 2.38 -0.26 -37.07
C PRO B 82 3.17 -0.08 -38.36
N ASP B 83 2.55 -0.21 -39.53
CA ASP B 83 3.29 -0.12 -40.78
C ASP B 83 3.34 1.29 -41.36
N ASN B 84 2.67 2.27 -40.74
CA ASN B 84 2.74 3.66 -41.18
C ASN B 84 3.05 4.58 -40.00
N MET B 85 3.97 4.17 -39.14
CA MET B 85 4.37 5.02 -38.03
C MET B 85 5.20 6.20 -38.50
N SER B 86 5.77 6.12 -39.71
CA SER B 86 6.66 7.17 -40.19
C SER B 86 5.88 8.40 -40.63
N GLU B 87 4.65 8.23 -41.09
CA GLU B 87 3.85 9.33 -41.61
C GLU B 87 3.00 10.02 -40.54
N TYR B 88 3.16 9.64 -39.28
CA TYR B 88 2.38 10.24 -38.19
C TYR B 88 3.26 10.64 -37.01
N SER B 89 4.58 10.69 -37.20
CA SER B 89 5.49 10.90 -36.07
C SER B 89 5.12 12.16 -35.28
N LYS B 90 4.93 13.28 -35.98
CA LYS B 90 4.51 14.50 -35.30
C LYS B 90 3.23 14.28 -34.52
N GLN B 91 2.20 13.74 -35.19
CA GLN B 91 0.97 13.41 -34.49
C GLN B 91 1.23 12.46 -33.33
N MET B 92 2.12 11.49 -33.55
CA MET B 92 2.44 10.54 -32.49
C MET B 92 3.05 11.25 -31.28
N GLN B 93 3.84 12.30 -31.52
CA GLN B 93 4.35 13.09 -30.41
C GLN B 93 3.24 13.90 -29.76
N ARG B 94 2.28 14.37 -30.55
CA ARG B 94 1.26 15.27 -30.04
C ARG B 94 0.28 14.56 -29.11
N PHE B 95 -0.16 13.36 -29.48
CA PHE B 95 -1.17 12.63 -28.76
C PHE B 95 -0.61 11.64 -27.75
N ASN B 96 0.71 11.68 -27.52
CA ASN B 96 1.37 10.86 -26.51
C ASN B 96 1.24 9.36 -26.81
N VAL B 97 1.16 9.02 -28.10
CA VAL B 97 1.19 7.63 -28.55
C VAL B 97 2.64 7.32 -28.92
N GLY B 98 3.19 6.29 -28.31
CA GLY B 98 4.62 6.06 -28.42
C GLY B 98 5.16 4.99 -27.49
N GLU B 99 6.13 5.35 -26.64
CA GLU B 99 6.79 4.37 -25.80
C GLU B 99 5.82 3.78 -24.78
N ASP B 100 5.26 4.61 -23.90
CA ASP B 100 4.45 4.09 -22.80
C ASP B 100 3.14 3.50 -23.30
N CYS B 101 2.49 4.16 -24.26
CA CYS B 101 1.25 3.69 -24.86
C CYS B 101 1.53 3.40 -26.32
N PRO B 102 1.97 2.18 -26.65
CA PRO B 102 2.43 1.91 -28.01
C PRO B 102 1.29 1.78 -28.99
N VAL B 103 1.65 1.83 -30.27
CA VAL B 103 0.71 1.56 -31.36
C VAL B 103 0.95 0.12 -31.81
N PHE B 104 -0.06 -0.73 -31.62
CA PHE B 104 0.03 -2.14 -31.95
C PHE B 104 -1.07 -2.47 -32.95
N ASP B 105 -1.10 -3.74 -33.37
CA ASP B 105 -2.04 -4.16 -34.40
C ASP B 105 -3.46 -4.24 -33.84
N GLY B 106 -4.36 -3.46 -34.42
CA GLY B 106 -5.75 -3.47 -33.99
C GLY B 106 -6.02 -2.81 -32.66
N LEU B 107 -5.36 -1.68 -32.38
CA LEU B 107 -5.63 -0.98 -31.13
C LEU B 107 -7.00 -0.31 -31.15
N PHE B 108 -7.44 0.16 -32.32
CA PHE B 108 -8.76 0.78 -32.39
C PHE B 108 -9.86 -0.21 -32.10
N GLU B 109 -9.73 -1.45 -32.58
CA GLU B 109 -10.72 -2.48 -32.28
C GLU B 109 -10.74 -2.80 -30.80
N PHE B 110 -9.56 -2.83 -30.16
CA PHE B 110 -9.48 -3.02 -28.72
C PHE B 110 -10.23 -1.92 -27.97
N CYS B 111 -9.98 -0.66 -28.37
CA CYS B 111 -10.69 0.45 -27.75
C CYS B 111 -12.19 0.36 -27.98
N GLN B 112 -12.59 -0.03 -29.20
CA GLN B 112 -14.01 -0.14 -29.51
C GLN B 112 -14.69 -1.18 -28.61
N LEU B 113 -14.08 -2.35 -28.47
CA LEU B 113 -14.67 -3.39 -27.62
C LEU B 113 -14.74 -2.95 -26.16
N SER B 114 -13.63 -2.41 -25.65
CA SER B 114 -13.60 -2.00 -24.25
C SER B 114 -14.63 -0.92 -23.96
N THR B 115 -14.75 0.06 -24.85
CA THR B 115 -15.73 1.13 -24.66
C THR B 115 -17.15 0.62 -24.81
N GLY B 116 -17.39 -0.22 -25.82
CA GLY B 116 -18.74 -0.70 -26.09
C GLY B 116 -19.29 -1.55 -24.96
N GLY B 117 -18.44 -2.34 -24.29
CA GLY B 117 -18.93 -3.12 -23.17
C GLY B 117 -19.52 -2.25 -22.08
N SER B 118 -18.79 -1.22 -21.66
CA SER B 118 -19.26 -0.35 -20.58
C SER B 118 -20.42 0.52 -21.03
N VAL B 119 -20.42 0.97 -22.29
CA VAL B 119 -21.52 1.79 -22.77
C VAL B 119 -22.80 0.97 -22.84
N ALA B 120 -22.71 -0.28 -23.30
CA ALA B 120 -23.88 -1.15 -23.33
C ALA B 120 -24.38 -1.44 -21.91
N GLY B 121 -23.45 -1.66 -20.97
CA GLY B 121 -23.87 -1.84 -19.59
C GLY B 121 -24.60 -0.63 -19.04
N ALA B 122 -24.09 0.56 -19.33
CA ALA B 122 -24.75 1.79 -18.88
C ALA B 122 -26.13 1.94 -19.50
N VAL B 123 -26.27 1.63 -20.78
CA VAL B 123 -27.58 1.70 -21.43
C VAL B 123 -28.54 0.70 -20.80
N LYS B 124 -28.05 -0.52 -20.52
CA LYS B 124 -28.89 -1.52 -19.86
C LYS B 124 -29.36 -1.04 -18.50
N LEU B 125 -28.46 -0.42 -17.73
CA LEU B 125 -28.85 0.08 -16.41
C LEU B 125 -29.83 1.24 -16.53
N ASN B 126 -29.67 2.07 -17.56
CA ASN B 126 -30.62 3.16 -17.81
C ASN B 126 -32.01 2.63 -18.09
N ARG B 127 -32.10 1.56 -18.88
CA ARG B 127 -33.39 0.98 -19.22
C ARG B 127 -34.02 0.20 -18.08
N GLN B 128 -33.32 0.05 -16.95
CA GLN B 128 -33.81 -0.66 -15.77
C GLN B 128 -34.12 -2.12 -16.09
N GLN B 129 -33.36 -2.72 -17.00
CA GLN B 129 -33.47 -4.14 -17.25
C GLN B 129 -32.59 -4.96 -16.32
N THR B 130 -31.73 -4.29 -15.54
CA THR B 130 -30.91 -4.92 -14.53
C THR B 130 -30.39 -3.84 -13.60
N ASP B 131 -29.88 -4.26 -12.45
CA ASP B 131 -29.25 -3.35 -11.52
C ASP B 131 -27.78 -3.71 -11.27
N MET B 132 -27.16 -4.42 -12.21
CA MET B 132 -25.76 -4.77 -12.10
C MET B 132 -25.26 -5.19 -13.48
N ALA B 133 -24.21 -4.52 -13.95
CA ALA B 133 -23.55 -4.85 -15.20
C ALA B 133 -22.06 -4.93 -14.95
N VAL B 134 -21.41 -5.95 -15.51
CA VAL B 134 -20.00 -6.20 -15.29
C VAL B 134 -19.29 -6.18 -16.64
N ASN B 135 -18.18 -5.45 -16.71
CA ASN B 135 -17.36 -5.40 -17.92
C ASN B 135 -15.90 -5.30 -17.48
N TRP B 136 -15.21 -6.44 -17.46
CA TRP B 136 -13.82 -6.45 -17.02
C TRP B 136 -12.86 -5.91 -18.08
N ALA B 137 -13.31 -5.78 -19.33
CA ALA B 137 -12.45 -5.21 -20.36
C ALA B 137 -12.34 -3.70 -20.22
N GLY B 138 -13.25 -3.07 -19.48
CA GLY B 138 -13.24 -1.64 -19.29
C GLY B 138 -12.32 -1.21 -18.18
N GLY B 139 -12.55 0.01 -17.69
CA GLY B 139 -11.79 0.53 -16.57
C GLY B 139 -10.55 1.31 -16.94
N LEU B 140 -10.47 1.84 -18.15
CA LEU B 140 -9.32 2.64 -18.57
C LEU B 140 -9.59 4.09 -18.19
N HIS B 141 -8.95 4.55 -17.10
CA HIS B 141 -9.29 5.83 -16.50
C HIS B 141 -8.21 6.88 -16.63
N HIS B 142 -7.11 6.59 -17.31
CA HIS B 142 -6.02 7.55 -17.44
C HIS B 142 -6.07 8.34 -18.75
N ALA B 143 -6.92 7.96 -19.69
CA ALA B 143 -6.96 8.61 -20.99
C ALA B 143 -7.58 10.00 -20.87
N LYS B 144 -7.03 10.95 -21.61
CA LYS B 144 -7.51 12.32 -21.59
C LYS B 144 -8.37 12.61 -22.82
N LYS B 145 -8.82 13.86 -22.93
CA LYS B 145 -9.72 14.23 -24.03
C LYS B 145 -9.04 14.09 -25.38
N SER B 146 -7.77 14.47 -25.50
CA SER B 146 -7.07 14.42 -26.78
C SER B 146 -5.66 13.89 -26.61
N GLU B 147 -5.47 12.94 -25.69
CA GLU B 147 -4.16 12.31 -25.54
C GLU B 147 -4.33 10.96 -24.86
N ALA B 148 -3.32 10.11 -25.04
CA ALA B 148 -3.27 8.79 -24.42
C ALA B 148 -2.28 8.81 -23.26
N SER B 149 -2.66 8.18 -22.16
CA SER B 149 -1.82 8.19 -20.97
C SER B 149 -2.09 6.93 -20.15
N GLY B 150 -1.03 6.41 -19.53
CA GLY B 150 -1.14 5.29 -18.62
C GLY B 150 -1.72 4.03 -19.22
N PHE B 151 -1.24 3.65 -20.40
CA PHE B 151 -1.65 2.47 -21.16
C PHE B 151 -3.09 2.54 -21.66
N CYS B 152 -3.76 3.68 -21.50
CA CYS B 152 -5.15 3.84 -21.91
C CYS B 152 -5.24 4.83 -23.07
N TYR B 153 -6.06 4.49 -24.07
CA TYR B 153 -6.25 5.33 -25.24
C TYR B 153 -7.60 6.02 -25.28
N VAL B 154 -8.66 5.35 -24.84
CA VAL B 154 -10.01 5.89 -24.84
C VAL B 154 -10.59 5.73 -23.45
N ASN B 155 -11.17 6.81 -22.91
CA ASN B 155 -11.71 6.83 -21.55
C ASN B 155 -13.16 6.37 -21.59
N ASP B 156 -13.38 5.08 -21.40
CA ASP B 156 -14.73 4.53 -21.48
C ASP B 156 -15.54 4.76 -20.21
N ILE B 157 -14.87 5.02 -19.08
CA ILE B 157 -15.59 5.33 -17.85
C ILE B 157 -16.35 6.65 -18.00
N VAL B 158 -15.71 7.65 -18.59
CA VAL B 158 -16.36 8.94 -18.80
C VAL B 158 -17.56 8.77 -19.73
N LEU B 159 -17.41 7.98 -20.78
CA LEU B 159 -18.50 7.75 -21.71
C LEU B 159 -19.65 7.00 -21.05
N ALA B 160 -19.33 6.02 -20.21
CA ALA B 160 -20.38 5.29 -19.49
C ALA B 160 -21.13 6.21 -18.52
N ILE B 161 -20.41 7.10 -17.85
CA ILE B 161 -21.07 8.03 -16.94
C ILE B 161 -21.92 9.03 -17.73
N LEU B 162 -21.43 9.48 -18.88
CA LEU B 162 -22.21 10.39 -19.72
C LEU B 162 -23.48 9.72 -20.19
N GLU B 163 -23.42 8.42 -20.48
CA GLU B 163 -24.63 7.66 -20.81
C GLU B 163 -25.55 7.51 -19.61
N LEU B 164 -24.99 7.31 -18.41
CA LEU B 164 -25.81 7.16 -17.22
C LEU B 164 -26.51 8.45 -16.84
N LEU B 165 -25.90 9.60 -17.14
CA LEU B 165 -26.44 10.88 -16.72
C LEU B 165 -27.75 11.24 -17.41
N LYS B 166 -28.16 10.50 -18.44
CA LYS B 166 -29.39 10.80 -19.14
C LYS B 166 -30.62 10.40 -18.34
N TYR B 167 -30.46 9.62 -17.27
CA TYR B 167 -31.61 9.18 -16.49
C TYR B 167 -31.37 9.36 -15.00
N HIS B 168 -30.11 9.52 -14.59
CA HIS B 168 -29.75 9.63 -13.19
C HIS B 168 -29.20 11.03 -12.91
N GLN B 169 -29.76 11.69 -11.89
CA GLN B 169 -29.34 13.05 -11.56
C GLN B 169 -27.93 13.07 -10.98
N ARG B 170 -27.62 12.13 -10.09
CA ARG B 170 -26.33 12.08 -9.42
C ARG B 170 -25.71 10.71 -9.60
N VAL B 171 -24.47 10.68 -10.08
CA VAL B 171 -23.72 9.44 -10.31
C VAL B 171 -22.46 9.49 -9.47
N LEU B 172 -22.22 8.43 -8.71
CA LEU B 172 -21.05 8.35 -7.84
C LEU B 172 -20.05 7.36 -8.42
N TYR B 173 -18.80 7.80 -8.55
CA TYR B 173 -17.73 6.98 -9.10
C TYR B 173 -16.72 6.68 -8.00
N ILE B 174 -16.36 5.41 -7.84
CA ILE B 174 -15.43 4.96 -6.83
C ILE B 174 -14.26 4.26 -7.52
N ASP B 175 -13.04 4.59 -7.09
CA ASP B 175 -11.83 4.08 -7.71
C ASP B 175 -10.94 3.48 -6.64
N ILE B 176 -10.72 2.16 -6.71
CA ILE B 176 -9.84 1.44 -5.81
C ILE B 176 -8.62 0.89 -6.52
N ASP B 177 -8.37 1.29 -7.77
CA ASP B 177 -7.09 1.04 -8.40
C ASP B 177 -6.00 1.79 -7.63
N ILE B 178 -4.80 1.21 -7.61
CA ILE B 178 -3.72 1.82 -6.83
C ILE B 178 -3.34 3.19 -7.36
N HIS B 179 -3.53 3.42 -8.65
CA HIS B 179 -3.24 4.72 -9.23
C HIS B 179 -4.43 5.64 -9.07
N HIS B 180 -4.18 6.94 -9.20
CA HIS B 180 -5.24 7.95 -9.15
C HIS B 180 -5.91 8.04 -10.51
N GLY B 181 -7.23 8.00 -10.51
CA GLY B 181 -7.98 8.09 -11.75
C GLY B 181 -8.11 9.51 -12.23
N ASP B 182 -7.02 10.05 -12.78
CA ASP B 182 -6.97 11.47 -13.11
C ASP B 182 -7.88 11.82 -14.28
N GLY B 183 -8.01 10.92 -15.26
CA GLY B 183 -8.84 11.21 -16.42
C GLY B 183 -10.29 11.42 -16.04
N VAL B 184 -10.85 10.51 -15.23
CA VAL B 184 -12.25 10.60 -14.86
C VAL B 184 -12.49 11.79 -13.95
N GLU B 185 -11.58 12.03 -12.99
CA GLU B 185 -11.73 13.14 -12.08
C GLU B 185 -11.64 14.48 -12.82
N GLU B 186 -10.72 14.58 -13.78
CA GLU B 186 -10.57 15.81 -14.54
C GLU B 186 -11.75 16.03 -15.48
N ALA B 187 -12.35 14.95 -16.00
CA ALA B 187 -13.50 15.10 -16.89
C ALA B 187 -14.68 15.75 -16.17
N PHE B 188 -14.84 15.49 -14.88
CA PHE B 188 -15.97 15.97 -14.10
C PHE B 188 -15.52 16.83 -12.92
N TYR B 189 -14.50 17.67 -13.12
CA TYR B 189 -13.92 18.38 -12.00
C TYR B 189 -14.80 19.54 -11.54
N THR B 190 -15.59 20.13 -12.43
CA THR B 190 -16.33 21.34 -12.14
C THR B 190 -17.84 21.12 -12.17
N THR B 191 -18.28 19.92 -11.82
CA THR B 191 -19.71 19.62 -11.80
C THR B 191 -20.07 18.92 -10.50
N ASP B 192 -21.32 19.08 -10.10
CA ASP B 192 -21.83 18.45 -8.89
C ASP B 192 -22.70 17.23 -9.18
N ARG B 193 -22.84 16.85 -10.44
CA ARG B 193 -23.63 15.67 -10.79
C ARG B 193 -22.83 14.39 -10.71
N VAL B 194 -21.50 14.47 -10.67
CA VAL B 194 -20.63 13.32 -10.51
C VAL B 194 -19.64 13.63 -9.41
N MET B 195 -19.58 12.76 -8.39
CA MET B 195 -18.53 12.83 -7.39
C MET B 195 -17.62 11.62 -7.52
N THR B 196 -16.32 11.90 -7.54
CA THR B 196 -15.30 10.88 -7.73
C THR B 196 -14.53 10.68 -6.42
N VAL B 197 -14.61 9.47 -5.88
CA VAL B 197 -13.82 9.05 -4.73
C VAL B 197 -12.67 8.20 -5.25
N SER B 198 -11.44 8.53 -4.86
CA SER B 198 -10.29 7.80 -5.33
C SER B 198 -9.41 7.44 -4.14
N PHE B 199 -9.01 6.18 -4.03
CA PHE B 199 -8.02 5.75 -3.05
C PHE B 199 -6.75 5.35 -3.79
N HIS B 200 -5.63 5.96 -3.45
CA HIS B 200 -4.45 5.76 -4.28
C HIS B 200 -3.19 6.02 -3.49
N LYS B 201 -2.07 5.54 -4.04
CA LYS B 201 -0.75 5.88 -3.51
C LYS B 201 -0.31 7.23 -4.05
N TYR B 202 0.36 8.01 -3.20
CA TYR B 202 0.79 9.35 -3.56
C TYR B 202 2.24 9.56 -3.17
N GLY B 203 2.98 10.26 -4.04
CA GLY B 203 4.36 10.62 -3.75
C GLY B 203 5.37 9.87 -4.59
N GLU B 204 5.89 10.53 -5.61
CA GLU B 204 6.82 9.91 -6.57
C GLU B 204 6.21 8.65 -7.18
N TYR B 205 5.04 8.82 -7.79
CA TYR B 205 4.27 7.72 -8.31
C TYR B 205 3.35 8.24 -9.41
N PHE B 206 3.10 7.40 -10.40
CA PHE B 206 2.21 7.77 -11.49
C PHE B 206 0.78 7.91 -10.96
N PRO B 207 0.00 8.88 -11.45
CA PRO B 207 0.36 9.93 -12.40
C PRO B 207 0.89 11.20 -11.72
N GLY B 208 1.05 11.17 -10.40
CA GLY B 208 1.53 12.33 -9.67
C GLY B 208 0.47 13.33 -9.29
N THR B 209 -0.80 12.94 -9.30
CA THR B 209 -1.91 13.82 -8.96
C THR B 209 -2.78 13.16 -7.90
N GLY B 210 -3.80 13.89 -7.45
CA GLY B 210 -4.74 13.36 -6.48
C GLY B 210 -4.39 13.68 -5.05
N ASP B 211 -4.05 14.95 -4.80
CA ASP B 211 -3.65 15.40 -3.47
C ASP B 211 -4.87 15.46 -2.55
N LEU B 212 -4.61 15.54 -1.25
CA LEU B 212 -5.69 15.65 -0.28
C LEU B 212 -6.49 16.93 -0.47
N ARG B 213 -5.87 17.97 -1.02
CA ARG B 213 -6.52 19.27 -1.20
C ARG B 213 -7.15 19.45 -2.58
N ASP B 214 -7.14 18.42 -3.43
CA ASP B 214 -7.83 18.48 -4.71
C ASP B 214 -9.28 18.09 -4.49
N ILE B 215 -10.13 19.09 -4.26
CA ILE B 215 -11.51 18.86 -3.85
C ILE B 215 -12.50 19.38 -4.89
N GLY B 216 -12.02 19.84 -6.04
CA GLY B 216 -12.90 20.32 -7.10
C GLY B 216 -12.74 21.80 -7.33
N ALA B 217 -13.54 22.29 -8.29
CA ALA B 217 -13.47 23.68 -8.71
C ALA B 217 -14.84 24.15 -9.13
N GLY B 218 -15.08 25.45 -8.91
CA GLY B 218 -16.33 26.05 -9.34
C GLY B 218 -17.53 25.39 -8.69
N LYS B 219 -18.52 25.06 -9.51
CA LYS B 219 -19.74 24.44 -9.00
C LYS B 219 -19.47 23.03 -8.46
N GLY B 220 -18.37 22.41 -8.87
CA GLY B 220 -18.06 21.07 -8.43
C GLY B 220 -17.20 21.00 -7.19
N LYS B 221 -17.12 22.09 -6.44
CA LYS B 221 -16.31 22.13 -5.23
C LYS B 221 -16.87 21.18 -4.18
N TYR B 222 -15.97 20.46 -3.50
CA TYR B 222 -16.26 19.43 -2.51
C TYR B 222 -16.91 18.19 -3.11
N TYR B 223 -16.82 18.01 -4.42
CA TYR B 223 -17.41 16.86 -5.11
C TYR B 223 -16.34 15.97 -5.72
N ALA B 224 -15.17 15.92 -5.10
CA ALA B 224 -14.08 15.07 -5.56
C ALA B 224 -13.16 14.83 -4.38
N VAL B 225 -13.07 13.59 -3.92
CA VAL B 225 -12.31 13.27 -2.72
C VAL B 225 -11.20 12.28 -3.06
N ASN B 226 -10.01 12.55 -2.52
CA ASN B 226 -8.83 11.75 -2.75
C ASN B 226 -8.25 11.30 -1.42
N PHE B 227 -7.97 10.00 -1.31
CA PHE B 227 -7.27 9.47 -0.15
C PHE B 227 -5.88 9.02 -0.57
N PRO B 228 -4.85 9.80 -0.28
CA PRO B 228 -3.49 9.35 -0.57
C PRO B 228 -2.98 8.41 0.52
N MET B 229 -2.17 7.44 0.09
CA MET B 229 -1.68 6.41 0.99
C MET B 229 -0.17 6.24 0.86
N ARG B 230 0.38 5.32 1.64
CA ARG B 230 1.81 5.02 1.57
C ARG B 230 2.00 3.57 1.17
N ASP B 231 3.24 3.09 1.18
CA ASP B 231 3.53 1.73 0.78
C ASP B 231 2.98 0.73 1.78
N GLY B 232 2.46 -0.39 1.28
CA GLY B 232 2.15 -1.53 2.12
C GLY B 232 0.88 -1.47 2.94
N ILE B 233 -0.15 -0.76 2.46
CA ILE B 233 -1.44 -0.82 3.13
C ILE B 233 -1.97 -2.25 3.04
N ASP B 234 -2.66 -2.69 4.09
CA ASP B 234 -3.16 -4.06 4.11
C ASP B 234 -4.67 -4.11 4.29
N ASP B 235 -5.21 -5.32 4.44
CA ASP B 235 -6.66 -5.51 4.41
C ASP B 235 -7.35 -4.78 5.54
N GLU B 236 -6.78 -4.84 6.75
CA GLU B 236 -7.46 -4.26 7.91
C GLU B 236 -7.57 -2.75 7.81
N SER B 237 -6.49 -2.07 7.43
CA SER B 237 -6.53 -0.61 7.29
C SER B 237 -7.48 -0.19 6.17
N TYR B 238 -7.42 -0.89 5.04
CA TYR B 238 -8.28 -0.56 3.91
C TYR B 238 -9.75 -0.74 4.28
N GLY B 239 -10.08 -1.84 4.96
CA GLY B 239 -11.45 -2.03 5.42
C GLY B 239 -11.87 -1.01 6.46
N GLN B 240 -10.95 -0.59 7.32
CA GLN B 240 -11.29 0.36 8.36
C GLN B 240 -11.56 1.75 7.79
N ILE B 241 -10.91 2.11 6.68
CA ILE B 241 -11.09 3.46 6.14
C ILE B 241 -11.98 3.52 4.90
N PHE B 242 -12.31 2.39 4.29
CA PHE B 242 -13.19 2.41 3.13
C PHE B 242 -14.66 2.46 3.52
N LYS B 243 -15.07 1.60 4.44
CA LYS B 243 -16.48 1.53 4.83
C LYS B 243 -17.02 2.83 5.41
N PRO B 244 -16.36 3.47 6.39
CA PRO B 244 -16.95 4.72 6.93
C PRO B 244 -16.98 5.86 5.93
N ILE B 245 -15.93 6.00 5.12
CA ILE B 245 -15.90 7.07 4.12
C ILE B 245 -17.01 6.87 3.09
N ILE B 246 -17.19 5.63 2.62
CA ILE B 246 -18.23 5.38 1.62
C ILE B 246 -19.61 5.56 2.23
N SER B 247 -19.79 5.15 3.49
CA SER B 247 -21.06 5.39 4.16
C SER B 247 -21.37 6.88 4.26
N LYS B 248 -20.38 7.68 4.65
CA LYS B 248 -20.58 9.12 4.74
C LYS B 248 -20.86 9.73 3.38
N VAL B 249 -20.14 9.27 2.35
CA VAL B 249 -20.36 9.77 0.99
C VAL B 249 -21.77 9.47 0.53
N MET B 250 -22.24 8.24 0.77
CA MET B 250 -23.58 7.86 0.35
C MET B 250 -24.66 8.56 1.17
N GLU B 251 -24.37 8.93 2.41
CA GLU B 251 -25.37 9.63 3.21
C GLU B 251 -25.44 11.12 2.87
N MET B 252 -24.32 11.75 2.54
CA MET B 252 -24.35 13.16 2.13
C MET B 252 -24.80 13.32 0.68
N TYR B 253 -24.19 12.57 -0.23
CA TYR B 253 -24.42 12.78 -1.66
C TYR B 253 -25.76 12.21 -2.11
N GLN B 254 -26.14 11.06 -1.58
CA GLN B 254 -27.35 10.33 -1.97
C GLN B 254 -27.38 10.13 -3.48
N PRO B 255 -26.50 9.31 -4.05
CA PRO B 255 -26.47 9.13 -5.50
C PRO B 255 -27.60 8.23 -5.97
N SER B 256 -27.74 8.16 -7.29
CA SER B 256 -28.70 7.28 -7.93
C SER B 256 -28.05 6.09 -8.64
N ALA B 257 -26.81 6.22 -9.09
CA ALA B 257 -26.09 5.13 -9.71
C ALA B 257 -24.65 5.15 -9.25
N VAL B 258 -24.02 3.98 -9.25
CA VAL B 258 -22.65 3.82 -8.79
C VAL B 258 -21.83 3.17 -9.90
N VAL B 259 -20.64 3.69 -10.14
CA VAL B 259 -19.66 3.09 -11.05
C VAL B 259 -18.43 2.76 -10.23
N LEU B 260 -18.09 1.47 -10.15
CA LEU B 260 -17.02 0.99 -9.30
C LEU B 260 -15.88 0.44 -10.17
N GLN B 261 -14.72 1.07 -10.07
CA GLN B 261 -13.51 0.66 -10.80
C GLN B 261 -12.74 -0.30 -9.91
N CYS B 262 -12.63 -1.56 -10.35
CA CYS B 262 -12.09 -2.65 -9.55
C CYS B 262 -10.67 -3.04 -9.94
N GLY B 263 -9.82 -2.07 -10.25
CA GLY B 263 -8.45 -2.35 -10.65
C GLY B 263 -7.69 -3.20 -9.64
N ALA B 264 -7.00 -4.22 -10.13
CA ALA B 264 -6.40 -5.25 -9.30
C ALA B 264 -4.90 -5.05 -9.07
N ASP B 265 -4.35 -3.92 -9.49
CA ASP B 265 -2.93 -3.65 -9.25
C ASP B 265 -2.65 -3.22 -7.83
N SER B 266 -3.65 -3.14 -6.97
CA SER B 266 -3.48 -2.83 -5.57
C SER B 266 -3.36 -4.08 -4.71
N LEU B 267 -3.21 -5.24 -5.31
CA LEU B 267 -2.99 -6.48 -4.56
C LEU B 267 -1.51 -6.70 -4.33
N SER B 268 -1.21 -7.55 -3.36
CA SER B 268 0.18 -7.86 -3.05
C SER B 268 0.84 -8.65 -4.17
N GLY B 269 2.12 -8.35 -4.41
CA GLY B 269 2.88 -9.03 -5.44
C GLY B 269 2.73 -8.47 -6.83
N ASP B 270 2.03 -7.35 -6.99
CA ASP B 270 1.82 -6.79 -8.32
C ASP B 270 3.13 -6.29 -8.92
N ARG B 271 3.23 -6.40 -10.24
CA ARG B 271 4.46 -6.04 -10.92
C ARG B 271 4.73 -4.54 -10.82
N LEU B 272 3.68 -3.72 -10.72
CA LEU B 272 3.83 -2.28 -10.64
C LEU B 272 3.32 -1.68 -9.34
N GLY B 273 2.43 -2.37 -8.62
CA GLY B 273 1.87 -1.82 -7.41
C GLY B 273 2.78 -1.96 -6.21
N CYS B 274 2.38 -1.31 -5.12
CA CYS B 274 3.11 -1.33 -3.86
C CYS B 274 2.27 -1.78 -2.67
N PHE B 275 0.96 -1.95 -2.83
CA PHE B 275 0.10 -2.25 -1.70
C PHE B 275 0.22 -3.71 -1.30
N ASN B 276 -0.56 -4.11 -0.30
CA ASN B 276 -0.45 -5.44 0.31
C ASN B 276 -1.82 -6.04 0.54
N LEU B 277 -2.79 -5.70 -0.31
CA LEU B 277 -4.13 -6.25 -0.19
C LEU B 277 -4.17 -7.70 -0.66
N THR B 278 -5.25 -8.38 -0.31
CA THR B 278 -5.53 -9.73 -0.80
C THR B 278 -6.88 -9.72 -1.50
N VAL B 279 -7.25 -10.88 -2.06
CA VAL B 279 -8.48 -10.97 -2.84
C VAL B 279 -9.70 -10.73 -1.96
N LYS B 280 -9.72 -11.30 -0.76
CA LYS B 280 -10.84 -11.09 0.15
C LYS B 280 -10.96 -9.63 0.56
N GLY B 281 -9.84 -9.01 0.94
CA GLY B 281 -9.89 -7.60 1.29
C GLY B 281 -10.26 -6.72 0.13
N HIS B 282 -9.82 -7.08 -1.08
CA HIS B 282 -10.20 -6.33 -2.28
C HIS B 282 -11.71 -6.41 -2.53
N ALA B 283 -12.30 -7.60 -2.38
CA ALA B 283 -13.72 -7.78 -2.66
C ALA B 283 -14.62 -7.31 -1.52
N LYS B 284 -14.04 -7.07 -0.33
CA LYS B 284 -14.81 -6.45 0.74
C LYS B 284 -15.41 -5.12 0.29
N CYS B 285 -14.68 -4.38 -0.55
CA CYS B 285 -15.20 -3.12 -1.07
C CYS B 285 -16.43 -3.36 -1.96
N VAL B 286 -16.40 -4.42 -2.77
CA VAL B 286 -17.55 -4.75 -3.59
C VAL B 286 -18.75 -5.10 -2.72
N GLU B 287 -18.53 -5.88 -1.65
CA GLU B 287 -19.63 -6.20 -0.73
C GLU B 287 -20.20 -4.93 -0.11
N VAL B 288 -19.34 -4.03 0.35
CA VAL B 288 -19.79 -2.81 1.00
C VAL B 288 -20.60 -1.95 0.03
N VAL B 289 -20.12 -1.82 -1.21
CA VAL B 289 -20.86 -1.04 -2.20
C VAL B 289 -22.20 -1.68 -2.52
N LYS B 290 -22.22 -3.01 -2.69
CA LYS B 290 -23.46 -3.71 -3.01
C LYS B 290 -24.48 -3.62 -1.88
N THR B 291 -24.04 -3.41 -0.64
CA THR B 291 -24.98 -3.32 0.47
C THR B 291 -26.00 -2.20 0.29
N PHE B 292 -25.63 -1.14 -0.42
CA PHE B 292 -26.49 0.05 -0.51
C PHE B 292 -27.59 -0.06 -1.57
N ASN B 293 -27.62 -1.14 -2.36
CA ASN B 293 -28.74 -1.46 -3.25
C ASN B 293 -29.00 -0.33 -4.27
N LEU B 294 -28.02 -0.12 -5.13
CA LEU B 294 -28.11 0.88 -6.18
C LEU B 294 -27.72 0.27 -7.51
N PRO B 295 -28.20 0.83 -8.64
CA PRO B 295 -27.69 0.40 -9.94
C PRO B 295 -26.19 0.57 -10.04
N LEU B 296 -25.47 -0.54 -10.15
CA LEU B 296 -24.02 -0.56 -10.05
C LEU B 296 -23.40 -1.08 -11.34
N LEU B 297 -22.35 -0.40 -11.79
CA LEU B 297 -21.58 -0.80 -12.96
C LEU B 297 -20.15 -1.07 -12.52
N MET B 298 -19.74 -2.34 -12.56
CA MET B 298 -18.40 -2.75 -12.14
C MET B 298 -17.50 -2.85 -13.35
N LEU B 299 -16.32 -2.25 -13.27
CA LEU B 299 -15.38 -2.19 -14.38
C LEU B 299 -14.05 -2.79 -13.97
N GLY B 300 -13.23 -3.09 -14.97
CA GLY B 300 -11.90 -3.61 -14.73
C GLY B 300 -10.90 -2.51 -14.41
N GLY B 301 -9.75 -2.54 -15.06
CA GLY B 301 -8.76 -1.51 -14.83
C GLY B 301 -7.33 -1.99 -14.89
N GLY B 302 -6.56 -1.70 -13.85
CA GLY B 302 -5.18 -2.13 -13.77
C GLY B 302 -5.05 -3.55 -13.29
N GLY B 303 -3.81 -3.92 -13.00
CA GLY B 303 -3.50 -5.28 -12.60
C GLY B 303 -2.51 -5.92 -13.55
N TYR B 304 -1.31 -6.21 -13.07
CA TYR B 304 -0.20 -6.59 -13.94
C TYR B 304 0.50 -7.87 -13.50
N THR B 305 0.05 -8.51 -12.43
CA THR B 305 0.35 -9.91 -12.14
C THR B 305 -0.87 -10.70 -12.57
N ILE B 306 -0.73 -11.42 -13.68
CA ILE B 306 -1.88 -11.83 -14.47
C ILE B 306 -2.74 -12.83 -13.70
N ARG B 307 -2.09 -13.76 -13.00
CA ARG B 307 -2.83 -14.78 -12.24
C ARG B 307 -3.64 -14.15 -11.11
N ASN B 308 -3.04 -13.19 -10.40
CA ASN B 308 -3.76 -12.53 -9.32
C ASN B 308 -4.93 -11.73 -9.85
N VAL B 309 -4.79 -11.13 -11.03
CA VAL B 309 -5.90 -10.41 -11.65
C VAL B 309 -7.05 -11.37 -11.94
N ALA B 310 -6.72 -12.54 -12.51
CA ALA B 310 -7.75 -13.53 -12.77
C ALA B 310 -8.47 -13.94 -11.49
N ARG B 311 -7.70 -14.24 -10.44
CA ARG B 311 -8.29 -14.66 -9.17
C ARG B 311 -9.19 -13.57 -8.60
N CYS B 312 -8.69 -12.34 -8.55
CA CYS B 312 -9.45 -11.25 -7.96
C CYS B 312 -10.75 -11.02 -8.71
N TRP B 313 -10.69 -10.95 -10.03
CA TRP B 313 -11.90 -10.61 -10.79
C TRP B 313 -12.91 -11.74 -10.78
N THR B 314 -12.46 -13.01 -10.79
CA THR B 314 -13.42 -14.09 -10.67
C THR B 314 -14.07 -14.09 -9.28
N TYR B 315 -13.31 -13.74 -8.24
CA TYR B 315 -13.91 -13.69 -6.91
C TYR B 315 -14.93 -12.56 -6.79
N GLU B 316 -14.63 -11.39 -7.33
CA GLU B 316 -15.61 -10.30 -7.27
C GLU B 316 -16.85 -10.61 -8.11
N THR B 317 -16.66 -11.27 -9.26
CA THR B 317 -17.82 -11.68 -10.04
C THR B 317 -18.69 -12.65 -9.26
N ALA B 318 -18.07 -13.59 -8.53
CA ALA B 318 -18.83 -14.49 -7.68
C ALA B 318 -19.56 -13.73 -6.58
N VAL B 319 -18.88 -12.76 -5.95
CA VAL B 319 -19.48 -12.01 -4.85
C VAL B 319 -20.69 -11.23 -5.33
N ALA B 320 -20.58 -10.59 -6.49
CA ALA B 320 -21.70 -9.82 -7.02
C ALA B 320 -22.92 -10.70 -7.31
N LEU B 321 -22.69 -11.98 -7.59
CA LEU B 321 -23.78 -12.92 -7.81
C LEU B 321 -24.34 -13.51 -6.52
N ASP B 322 -23.78 -13.11 -5.37
CA ASP B 322 -24.14 -13.68 -4.08
C ASP B 322 -23.86 -15.18 -4.03
N CYS B 323 -22.91 -15.63 -4.83
CA CYS B 323 -22.55 -17.05 -4.94
C CYS B 323 -21.27 -17.32 -4.18
N GLU B 324 -21.23 -18.45 -3.49
CA GLU B 324 -20.05 -18.88 -2.75
C GLU B 324 -19.36 -19.99 -3.53
N ILE B 325 -18.05 -19.81 -3.76
CA ILE B 325 -17.30 -20.77 -4.57
C ILE B 325 -16.19 -21.39 -3.71
N PRO B 326 -15.81 -22.64 -3.95
CA PRO B 326 -14.79 -23.28 -3.13
C PRO B 326 -13.42 -22.64 -3.32
N ASN B 327 -12.60 -22.75 -2.29
CA ASN B 327 -11.24 -22.21 -2.33
C ASN B 327 -10.34 -23.00 -3.27
N GLU B 328 -10.75 -24.18 -3.72
CA GLU B 328 -9.95 -24.99 -4.62
C GLU B 328 -10.22 -24.57 -6.06
N LEU B 329 -9.16 -24.22 -6.78
CA LEU B 329 -9.32 -23.83 -8.18
C LEU B 329 -9.68 -25.04 -9.02
N PRO B 330 -10.75 -24.98 -9.81
CA PRO B 330 -11.05 -26.08 -10.72
C PRO B 330 -10.05 -26.15 -11.86
N TYR B 331 -10.00 -27.31 -12.49
CA TYR B 331 -9.12 -27.47 -13.64
C TYR B 331 -9.60 -26.61 -14.79
N ASN B 332 -8.66 -25.85 -15.38
CA ASN B 332 -9.00 -24.95 -16.47
C ASN B 332 -7.81 -24.88 -17.43
N ASP B 333 -7.99 -24.10 -18.50
CA ASP B 333 -7.00 -24.06 -19.56
C ASP B 333 -5.69 -23.42 -19.11
N TYR B 334 -5.73 -22.57 -18.10
CA TYR B 334 -4.57 -21.84 -17.62
C TYR B 334 -4.22 -22.25 -16.19
N PHE B 335 -4.39 -23.53 -15.89
CA PHE B 335 -4.24 -24.04 -14.54
C PHE B 335 -2.82 -23.85 -14.02
N GLU B 336 -1.82 -24.13 -14.87
CA GLU B 336 -0.43 -24.08 -14.44
C GLU B 336 0.02 -22.68 -14.06
N TYR B 337 -0.73 -21.65 -14.44
CA TYR B 337 -0.42 -20.29 -14.00
C TYR B 337 -0.51 -20.16 -12.49
N PHE B 338 -1.35 -20.97 -11.85
CA PHE B 338 -1.73 -20.77 -10.45
C PHE B 338 -0.95 -21.63 -9.48
N GLY B 339 0.17 -22.19 -9.91
CA GLY B 339 1.00 -22.98 -9.02
C GLY B 339 1.76 -22.11 -8.05
N PRO B 340 2.36 -22.76 -7.04
CA PRO B 340 2.32 -24.20 -6.76
C PRO B 340 1.16 -24.59 -5.85
N ASP B 341 0.31 -23.64 -5.47
CA ASP B 341 -0.75 -23.92 -4.49
C ASP B 341 -2.08 -24.26 -5.14
N PHE B 342 -2.42 -23.60 -6.25
CA PHE B 342 -3.69 -23.79 -6.96
C PHE B 342 -4.87 -23.51 -6.05
N LYS B 343 -4.82 -22.34 -5.40
CA LYS B 343 -5.88 -21.88 -4.52
C LYS B 343 -6.50 -20.61 -5.10
N LEU B 344 -7.75 -20.34 -4.72
CA LEU B 344 -8.40 -19.12 -5.18
C LEU B 344 -7.86 -17.89 -4.47
N HIS B 345 -7.63 -17.99 -3.16
CA HIS B 345 -7.19 -16.86 -2.37
C HIS B 345 -5.67 -16.82 -2.29
N ILE B 346 -5.13 -15.62 -2.10
CA ILE B 346 -3.70 -15.40 -2.08
C ILE B 346 -3.27 -14.96 -0.69
N SER B 347 -1.99 -15.14 -0.41
CA SER B 347 -1.42 -14.74 0.87
C SER B 347 -0.65 -13.44 0.72
N PRO B 348 -0.66 -12.57 1.73
CA PRO B 348 0.11 -11.33 1.64
C PRO B 348 1.57 -11.55 2.01
N SER B 349 2.37 -10.51 1.77
CA SER B 349 3.75 -10.52 2.21
C SER B 349 3.83 -9.93 3.61
N ASN B 350 5.04 -9.78 4.14
CA ASN B 350 5.25 -9.18 5.44
C ASN B 350 5.95 -7.82 5.30
N MET B 351 5.63 -7.11 4.23
CA MET B 351 6.20 -5.78 4.04
C MET B 351 5.63 -4.81 5.07
N THR B 352 6.44 -3.83 5.45
CA THR B 352 6.04 -2.88 6.47
C THR B 352 4.89 -2.02 5.97
N ASN B 353 3.89 -1.82 6.83
CA ASN B 353 2.77 -0.93 6.54
C ASN B 353 3.17 0.48 7.00
N GLN B 354 3.46 1.35 6.04
CA GLN B 354 3.92 2.70 6.35
C GLN B 354 2.78 3.64 6.72
N ASN B 355 1.53 3.21 6.58
CA ASN B 355 0.38 4.02 6.96
C ASN B 355 0.09 3.79 8.44
N THR B 356 0.62 4.68 9.28
CA THR B 356 0.41 4.58 10.72
C THR B 356 -1.01 5.00 11.08
N PRO B 357 -1.53 4.54 12.23
CA PRO B 357 -2.92 4.87 12.58
C PRO B 357 -3.21 6.36 12.69
N GLU B 358 -2.27 7.16 13.18
CA GLU B 358 -2.52 8.60 13.30
C GLU B 358 -2.66 9.25 11.94
N TYR B 359 -1.85 8.82 10.96
CA TYR B 359 -1.97 9.36 9.61
C TYR B 359 -3.35 9.10 9.04
N MET B 360 -3.82 7.85 9.16
CA MET B 360 -5.14 7.50 8.63
C MET B 360 -6.25 8.24 9.36
N GLU B 361 -6.14 8.38 10.68
CA GLU B 361 -7.16 9.09 11.43
C GLU B 361 -7.22 10.56 11.00
N LYS B 362 -6.06 11.20 10.82
CA LYS B 362 -6.05 12.60 10.40
C LYS B 362 -6.65 12.77 9.00
N ILE B 363 -6.26 11.89 8.06
CA ILE B 363 -6.80 12.01 6.70
C ILE B 363 -8.30 11.76 6.70
N LYS B 364 -8.76 10.76 7.48
CA LYS B 364 -10.18 10.47 7.56
C LYS B 364 -10.96 11.64 8.15
N GLN B 365 -10.40 12.28 9.18
CA GLN B 365 -11.08 13.44 9.77
C GLN B 365 -11.17 14.58 8.77
N ARG B 366 -10.08 14.85 8.03
CA ARG B 366 -10.13 15.90 7.02
C ARG B 366 -11.17 15.59 5.96
N LEU B 367 -11.24 14.34 5.53
CA LEU B 367 -12.25 13.96 4.54
C LEU B 367 -13.66 14.12 5.08
N PHE B 368 -13.87 13.77 6.35
CA PHE B 368 -15.20 13.92 6.94
C PHE B 368 -15.61 15.38 7.00
N GLU B 369 -14.69 16.27 7.39
CA GLU B 369 -15.03 17.69 7.42
C GLU B 369 -15.25 18.24 6.02
N ASN B 370 -14.54 17.72 5.02
CA ASN B 370 -14.83 18.11 3.64
C ASN B 370 -16.20 17.62 3.20
N LEU B 371 -16.62 16.44 3.66
CA LEU B 371 -17.90 15.89 3.25
C LEU B 371 -19.07 16.59 3.93
N ARG B 372 -18.88 17.08 5.15
CA ARG B 372 -19.99 17.72 5.86
C ARG B 372 -20.46 19.00 5.18
N MET B 373 -19.67 19.56 4.26
CA MET B 373 -19.99 20.83 3.62
C MET B 373 -20.91 20.69 2.42
N LEU B 374 -21.30 19.48 2.04
CA LEU B 374 -22.23 19.31 0.94
C LEU B 374 -23.62 19.80 1.35
N PRO B 375 -24.44 20.28 0.41
CA PRO B 375 -25.77 20.80 0.73
C PRO B 375 -26.86 19.73 0.67
N SER C 17 22.01 -18.15 -14.88
CA SER C 17 21.12 -17.14 -15.44
C SER C 17 20.39 -17.68 -16.66
N GLY C 18 19.89 -18.90 -16.56
CA GLY C 18 19.22 -19.55 -17.68
C GLY C 18 17.74 -19.24 -17.78
N GLY C 19 17.39 -18.31 -18.67
CA GLY C 19 16.00 -17.99 -18.94
C GLY C 19 15.53 -18.64 -20.22
N LEU C 20 14.24 -18.98 -20.25
CA LEU C 20 13.64 -19.68 -21.38
C LEU C 20 13.20 -18.76 -22.50
N MET C 21 13.37 -17.45 -22.36
CA MET C 21 12.82 -16.52 -23.34
C MET C 21 13.44 -16.72 -24.72
N GLU C 22 14.76 -16.90 -24.78
CA GLU C 22 15.43 -17.05 -26.07
C GLU C 22 14.91 -18.26 -26.82
N GLN C 23 14.77 -19.39 -26.12
CA GLN C 23 14.30 -20.61 -26.79
C GLN C 23 12.86 -20.45 -27.29
N ILE C 24 12.00 -19.81 -26.50
CA ILE C 24 10.63 -19.58 -26.96
C ILE C 24 10.56 -18.64 -28.15
N GLN C 25 11.29 -17.52 -28.12
CA GLN C 25 11.26 -16.60 -29.25
C GLN C 25 11.92 -17.19 -30.50
N ALA C 26 12.84 -18.13 -30.33
CA ALA C 26 13.39 -18.83 -31.49
C ALA C 26 12.43 -19.88 -32.01
N LEU C 27 11.69 -20.54 -31.12
CA LEU C 27 10.75 -21.57 -31.54
C LEU C 27 9.56 -20.97 -32.28
N LEU C 28 9.14 -19.77 -31.89
CA LEU C 28 7.99 -19.11 -32.51
C LEU C 28 8.39 -18.16 -33.63
N ALA C 29 9.68 -18.07 -33.95
CA ALA C 29 10.15 -17.09 -34.91
C ALA C 29 9.53 -17.35 -36.29
N PRO C 30 9.11 -16.31 -37.00
CA PRO C 30 8.57 -16.51 -38.34
C PRO C 30 9.64 -17.05 -39.26
N PRO C 31 9.32 -17.85 -40.33
CA PRO C 31 10.36 -18.30 -41.27
C PRO C 31 11.12 -17.12 -41.91
N LYS C 32 10.40 -16.11 -42.39
CA LYS C 32 11.02 -14.92 -43.06
C LYS C 32 11.99 -15.36 -44.17
N THR C 33 13.09 -14.64 -44.35
CA THR C 33 14.06 -14.95 -45.45
C THR C 33 15.49 -14.55 -45.06
N ASP C 34 16.48 -14.98 -45.83
CA ASP C 34 17.90 -14.62 -45.57
C ASP C 34 18.19 -13.24 -46.17
N THR C 257 21.63 15.23 8.64
CA THR C 257 22.93 14.81 9.12
C THR C 257 22.88 14.41 10.60
N GLN C 258 22.89 15.41 11.47
CA GLN C 258 22.93 15.15 12.91
C GLN C 258 21.63 14.53 13.42
N HIS C 259 20.51 14.81 12.77
CA HIS C 259 19.22 14.25 13.18
C HIS C 259 18.88 12.96 12.43
N GLU C 260 19.83 12.02 12.39
CA GLU C 260 19.63 10.75 11.71
C GLU C 260 20.41 9.66 12.42
N LEU C 261 20.01 8.43 12.17
CA LEU C 261 20.67 7.27 12.77
C LEU C 261 22.11 7.17 12.28
N ASP C 262 22.99 6.68 13.15
CA ASP C 262 24.39 6.52 12.82
C ASP C 262 24.58 5.44 11.76
N HIS C 263 25.83 5.24 11.33
CA HIS C 263 26.11 4.26 10.29
C HIS C 263 25.69 2.86 10.73
N ASN C 264 26.06 2.47 11.94
CA ASN C 264 25.63 1.19 12.47
C ASN C 264 24.16 1.20 12.86
N GLY C 265 23.60 2.39 13.12
CA GLY C 265 22.20 2.54 13.48
C GLY C 265 22.01 2.79 14.97
N LEU C 266 21.90 4.07 15.33
CA LEU C 266 21.85 4.51 16.72
C LEU C 266 21.32 5.93 16.74
N VAL C 267 20.59 6.27 17.80
CA VAL C 267 20.10 7.64 17.96
C VAL C 267 21.26 8.52 18.40
N PRO C 268 21.63 9.53 17.62
CA PRO C 268 22.76 10.38 17.99
C PRO C 268 22.48 11.16 19.27
N LEU C 269 23.54 11.40 20.04
CA LEU C 269 23.43 12.08 21.32
C LEU C 269 24.46 13.21 21.36
N PRO C 270 24.08 14.42 21.82
CA PRO C 270 22.74 14.85 22.26
C PRO C 270 21.70 14.81 21.13
N VAL C 271 20.43 14.76 21.50
CA VAL C 271 19.35 14.56 20.54
C VAL C 271 18.67 15.89 20.24
N LYS C 272 18.01 15.95 19.08
CA LYS C 272 17.07 17.00 18.76
C LYS C 272 15.73 16.34 18.47
N VAL C 273 14.65 16.98 18.91
CA VAL C 273 13.34 16.36 18.98
C VAL C 273 12.36 17.09 18.06
N CYS C 274 11.23 16.45 17.81
CA CYS C 274 10.16 17.06 17.03
C CYS C 274 9.55 18.21 17.82
N PHE C 275 9.08 19.23 17.08
CA PHE C 275 8.52 20.42 17.72
C PHE C 275 7.13 20.15 18.29
N THR C 276 6.45 19.10 17.82
CA THR C 276 5.09 18.81 18.23
C THR C 276 5.01 17.77 19.34
N CYS C 277 5.87 16.75 19.32
CA CYS C 277 5.81 15.66 20.28
C CYS C 277 7.02 15.58 21.21
N ASN C 278 8.10 16.29 20.90
CA ASN C 278 9.35 16.22 21.65
C ASN C 278 9.87 14.78 21.72
N ARG C 279 10.02 14.17 20.55
CA ARG C 279 10.60 12.84 20.40
C ARG C 279 11.63 12.86 19.30
N SER C 280 12.61 11.97 19.40
CA SER C 280 13.74 11.95 18.47
C SER C 280 13.40 11.12 17.24
N CYS C 281 14.44 10.82 16.45
CA CYS C 281 14.29 10.08 15.20
C CYS C 281 14.00 8.60 15.41
N ARG C 282 14.06 8.09 16.64
CA ARG C 282 13.84 6.68 16.88
C ARG C 282 12.42 6.25 16.55
N VAL C 283 11.42 7.05 16.89
CA VAL C 283 10.04 6.72 16.58
C VAL C 283 9.75 6.83 15.09
N ALA C 284 10.31 7.85 14.43
CA ALA C 284 10.08 8.10 13.02
C ALA C 284 11.14 9.08 12.54
N PRO C 285 11.47 9.05 11.25
CA PRO C 285 12.44 10.01 10.72
C PRO C 285 11.95 11.45 10.87
N LEU C 286 12.90 12.35 11.13
CA LEU C 286 12.60 13.77 11.30
C LEU C 286 12.99 14.54 10.05
N ILE C 287 12.15 15.51 9.68
CA ILE C 287 12.44 16.43 8.58
C ILE C 287 12.78 17.78 9.19
N GLN C 288 13.84 18.40 8.66
CA GLN C 288 14.36 19.65 9.21
C GLN C 288 13.97 20.80 8.29
N CYS C 289 13.33 21.82 8.87
CA CYS C 289 13.03 23.04 8.14
C CYS C 289 14.33 23.76 7.81
N ASP C 290 14.46 24.22 6.57
CA ASP C 290 15.70 24.85 6.12
C ASP C 290 15.72 26.36 6.33
N TYR C 291 14.66 26.93 6.91
CA TYR C 291 14.67 28.35 7.26
C TYR C 291 14.86 28.59 8.75
N CYS C 292 14.29 27.73 9.58
CA CYS C 292 14.43 27.77 11.03
C CYS C 292 14.84 26.39 11.54
N PRO C 293 15.52 26.31 12.68
CA PRO C 293 16.00 25.00 13.17
C PRO C 293 14.92 24.23 13.93
N LEU C 294 13.80 23.99 13.27
CA LEU C 294 12.67 23.27 13.86
C LEU C 294 12.52 21.92 13.15
N LEU C 295 12.72 20.84 13.89
CA LEU C 295 12.51 19.51 13.35
C LEU C 295 11.04 19.11 13.49
N PHE C 296 10.58 18.26 12.57
CA PHE C 296 9.18 17.89 12.53
C PHE C 296 9.05 16.42 12.14
N HIS C 297 7.93 15.82 12.53
CA HIS C 297 7.58 14.48 12.11
C HIS C 297 6.56 14.54 10.98
N MET C 298 6.67 13.58 10.06
CA MET C 298 5.77 13.55 8.92
C MET C 298 4.33 13.36 9.36
N ASP C 299 4.11 12.73 10.51
CA ASP C 299 2.78 12.53 11.04
C ASP C 299 2.37 13.61 12.03
N CYS C 300 3.33 14.35 12.59
CA CYS C 300 3.01 15.37 13.58
C CYS C 300 2.51 16.66 12.93
N LEU C 301 2.55 16.75 11.61
CA LEU C 301 2.04 17.92 10.92
C LEU C 301 0.51 17.86 10.83
N GLU C 302 -0.08 18.95 10.33
CA GLU C 302 -1.52 19.07 10.19
C GLU C 302 -1.82 19.91 8.96
N PRO C 303 -2.20 19.29 7.82
CA PRO C 303 -2.39 17.85 7.59
C PRO C 303 -1.06 17.12 7.40
N PRO C 304 -1.01 15.83 7.70
CA PRO C 304 0.25 15.09 7.61
C PRO C 304 0.76 14.99 6.18
N LEU C 305 2.09 15.02 6.05
CA LEU C 305 2.72 14.75 4.77
C LEU C 305 2.62 13.26 4.45
N THR C 306 2.31 12.97 3.18
CA THR C 306 2.24 11.58 2.72
C THR C 306 3.61 11.01 2.37
N ALA C 307 4.48 11.82 1.78
CA ALA C 307 5.79 11.38 1.34
C ALA C 307 6.84 12.39 1.78
N MET C 308 8.10 11.97 1.69
CA MET C 308 9.22 12.84 2.01
C MET C 308 9.23 14.04 1.06
N PRO C 309 9.43 15.25 1.55
CA PRO C 309 9.61 16.39 0.64
C PRO C 309 10.99 16.40 0.01
N LEU C 310 11.05 16.34 -1.32
CA LEU C 310 12.33 16.16 -2.01
C LEU C 310 13.14 17.45 -2.05
N GLY C 311 12.47 18.60 -2.17
CA GLY C 311 13.14 19.87 -2.30
C GLY C 311 13.28 20.60 -0.98
N ARG C 312 13.19 21.93 -1.05
CA ARG C 312 13.16 22.74 0.15
C ARG C 312 11.75 22.80 0.70
N TRP C 313 11.60 22.46 1.97
CA TRP C 313 10.31 22.37 2.63
C TRP C 313 10.16 23.50 3.65
N MET C 314 8.93 23.97 3.81
CA MET C 314 8.62 25.08 4.71
C MET C 314 7.75 24.57 5.85
N CYS C 315 8.25 24.72 7.07
CA CYS C 315 7.52 24.33 8.26
C CYS C 315 6.30 25.25 8.47
N PRO C 316 5.28 24.77 9.20
CA PRO C 316 4.04 25.55 9.36
C PRO C 316 4.14 26.65 10.42
N ASN C 317 5.35 26.89 10.91
CA ASN C 317 5.57 27.88 11.96
C ASN C 317 6.18 29.16 11.44
N HIS C 318 5.95 29.53 10.18
CA HIS C 318 6.49 30.75 9.62
C HIS C 318 5.35 31.68 9.19
N ILE C 319 5.73 32.86 8.69
CA ILE C 319 4.78 33.92 8.38
C ILE C 319 4.43 33.98 6.91
N GLU C 320 5.31 33.51 6.02
CA GLU C 320 5.06 33.59 4.58
C GLU C 320 3.77 32.90 4.17
N HIS C 321 3.13 32.13 5.06
CA HIS C 321 1.86 31.50 4.72
C HIS C 321 0.75 32.53 4.52
N VAL C 322 0.64 33.52 5.40
CA VAL C 322 -0.35 34.56 5.21
C VAL C 322 -0.02 35.43 4.00
N VAL C 323 1.27 35.62 3.71
CA VAL C 323 1.68 36.29 2.48
C VAL C 323 1.24 35.48 1.26
N LEU C 324 1.24 34.15 1.37
CA LEU C 324 0.77 33.27 0.30
C LEU C 324 -0.73 33.35 0.06
N ASN C 325 -1.47 34.05 0.93
CA ASN C 325 -2.91 34.22 0.68
C ASN C 325 -3.16 34.90 -0.65
N GLN C 326 -2.38 35.94 -0.96
CA GLN C 326 -2.39 36.57 -2.27
C GLN C 326 -1.32 35.90 -3.13
N LYS C 327 -1.76 35.11 -4.10
CA LYS C 327 -0.87 34.31 -4.94
C LYS C 327 -0.50 35.00 -6.25
N ASN C 328 -0.96 36.24 -6.47
CA ASN C 328 -0.65 36.93 -7.72
C ASN C 328 0.79 37.41 -7.75
N MET C 329 1.27 37.97 -6.64
CA MET C 329 2.59 38.57 -6.62
C MET C 329 3.67 37.50 -6.65
N THR C 330 4.81 37.84 -7.25
CA THR C 330 5.90 36.89 -7.39
C THR C 330 6.76 36.86 -6.13
N LEU C 331 7.81 36.04 -6.16
CA LEU C 331 8.64 35.83 -4.99
C LEU C 331 9.62 36.96 -4.74
N SER C 332 9.96 37.76 -5.76
CA SER C 332 10.94 38.83 -5.56
C SER C 332 10.37 39.93 -4.67
N ASN C 333 9.12 40.33 -4.91
CA ASN C 333 8.49 41.34 -4.07
C ASN C 333 8.32 40.83 -2.65
N ARG C 334 7.92 39.56 -2.49
CA ARG C 334 7.81 38.99 -1.16
C ARG C 334 9.16 39.02 -0.45
N CYS C 335 10.23 38.64 -1.15
CA CYS C 335 11.56 38.63 -0.56
C CYS C 335 12.00 40.04 -0.16
N GLN C 336 11.72 41.04 -1.00
CA GLN C 336 12.10 42.40 -0.65
C GLN C 336 11.30 42.89 0.56
N VAL C 337 10.02 42.52 0.64
CA VAL C 337 9.22 42.88 1.80
C VAL C 337 9.81 42.26 3.06
N PHE C 338 10.21 40.98 2.98
CA PHE C 338 10.83 40.34 4.15
C PHE C 338 12.14 41.01 4.52
N ASP C 339 12.98 41.31 3.54
CA ASP C 339 14.28 41.93 3.81
C ASP C 339 14.13 43.37 4.30
N ARG C 340 12.95 43.96 4.13
CA ARG C 340 12.69 45.25 4.77
C ARG C 340 12.81 45.19 6.29
N PHE C 341 12.69 43.99 6.88
CA PHE C 341 12.82 43.81 8.32
C PHE C 341 13.99 42.89 8.68
N GLN C 342 14.95 42.70 7.77
CA GLN C 342 16.04 41.76 7.97
C GLN C 342 17.34 42.42 8.40
N ASP C 343 17.33 43.74 8.66
CA ASP C 343 18.53 44.46 9.05
C ASP C 343 18.53 44.94 10.49
N THR C 344 17.36 44.98 11.14
CA THR C 344 17.21 45.40 12.53
C THR C 344 16.50 44.32 13.32
N VAL C 345 17.01 43.09 13.19
CA VAL C 345 16.24 41.89 13.53
C VAL C 345 15.81 41.86 14.99
N SER C 346 16.55 42.54 15.88
CA SER C 346 16.19 42.49 17.31
C SER C 346 14.97 43.37 17.59
N GLN C 347 15.12 44.68 17.40
CA GLN C 347 14.04 45.67 17.53
C GLN C 347 13.22 45.47 18.80
N HIS C 348 13.82 44.87 19.83
CA HIS C 348 13.04 44.37 20.96
C HIS C 348 12.29 45.49 21.67
N VAL C 349 12.96 46.63 21.89
CA VAL C 349 12.30 47.76 22.55
C VAL C 349 11.12 48.25 21.72
N VAL C 350 11.33 48.41 20.41
CA VAL C 350 10.27 48.99 19.59
C VAL C 350 9.11 48.01 19.42
N LYS C 351 9.39 46.70 19.41
CA LYS C 351 8.29 45.75 19.26
C LYS C 351 7.48 45.63 20.54
N VAL C 352 8.13 45.60 21.71
CA VAL C 352 7.33 45.62 22.94
C VAL C 352 6.57 46.93 23.05
N ASP C 353 7.19 48.04 22.61
CA ASP C 353 6.51 49.34 22.65
C ASP C 353 5.27 49.35 21.78
N PHE C 354 5.37 48.82 20.56
CA PHE C 354 4.20 48.75 19.69
C PHE C 354 3.15 47.82 20.27
N LEU C 355 3.57 46.73 20.91
CA LEU C 355 2.61 45.82 21.53
C LEU C 355 1.81 46.52 22.61
N ASN C 356 2.47 47.29 23.49
CA ASN C 356 1.70 47.98 24.52
C ASN C 356 0.89 49.14 23.92
N ARG C 357 1.42 49.78 22.87
CA ARG C 357 0.70 50.89 22.24
C ARG C 357 -0.62 50.42 21.65
N ILE C 358 -0.62 49.25 21.00
CA ILE C 358 -1.87 48.67 20.53
C ILE C 358 -2.68 48.14 21.70
N HIS C 359 -2.00 47.65 22.75
CA HIS C 359 -2.67 46.94 23.84
C HIS C 359 -3.68 47.81 24.58
N LYS C 360 -3.50 49.13 24.59
CA LYS C 360 -4.43 50.01 25.28
C LYS C 360 -5.84 49.82 24.74
N LYS C 361 -6.78 49.54 25.65
CA LYS C 361 -8.16 49.27 25.22
C LYS C 361 -8.79 50.49 24.58
N HIS C 362 -8.61 51.66 25.19
CA HIS C 362 -9.15 52.90 24.62
C HIS C 362 -8.10 53.53 23.72
N PRO C 363 -8.39 53.73 22.44
CA PRO C 363 -7.37 54.27 21.54
C PRO C 363 -7.02 55.70 21.91
N PRO C 364 -5.78 56.13 21.64
CA PRO C 364 -5.33 57.49 21.95
C PRO C 364 -5.97 58.53 21.05
#